data_8ZCA
#
_entry.id   8ZCA
#
_cell.length_a   45.224
_cell.length_b   79.931
_cell.length_c   92.751
_cell.angle_alpha   112.50
_cell.angle_beta   96.61
_cell.angle_gamma   103.16
#
_symmetry.space_group_name_H-M   'P 1'
#
loop_
_entity.id
_entity.type
_entity.pdbx_description
1 polymer '1C8 Fab light chain'
2 polymer '1C8 Fab heavy chain'
3 polymer 'Leukocyte surface antigen CD47'
4 non-polymer 'CALCIUM ION'
5 non-polymer GLYCEROL
6 non-polymer 2-acetamido-2-deoxy-beta-D-glucopyranose
7 water water
#
loop_
_entity_poly.entity_id
_entity_poly.type
_entity_poly.pdbx_seq_one_letter_code
_entity_poly.pdbx_strand_id
1 'polypeptide(L)'
;DPMLTQSPSFLSASVGDRVTITCQSSQSVYRNKYLSWYQQKPGKAPKLLIYYASTLASGVPSRFSGSGSGTEFTLTISSL
QPEDFATYYCAGDYSDDIENAFGGGTKVEIKRTVAAPSVFIFPPSDEQLKSGTASVVCLLNNFYPREAKVQWKVDNALQS
GNSQESVTEQDSKDSTYSLSSTLTLSKADYEKHKVYACEVTHQGLSSPVTKSFNRGEC
;
A,B
2 'polypeptide(L)'
;QSVKESGGGLFQPGGSLRLSCSVSGFSLSSYAISWVRQAPGKGLEYIGYISSIGDPYYADWVKGRFTISRDSSTVYLQMT
SLRAEDTAVYFCARSYPGNGDLGRLDIWGQGTTVTVSSASTKGPSVFPLAPSSKSTSGGTAALGCLVKDYFPEPVTVSWN
SGALTSGVHTFPAVLQSSGLYSLSSVVTVPSSSLGTQTYICNVNHKPSNTKVDKKVEPKSCDKTH
;
D,C
3 'polypeptide(L)'
;(PCA)LLFNKTKSVEFTFGNDTVVIPCFVTNMEAQNTTEVYVKWKFKGRDIYTFDGALNKSTVPTDFSSAKIEVSQLLKG
DASLKMDKSDAVSHTGNYTCEVTELTREGETIIELKYRVVSWFSPGSHHHHHHHH
;
E,F
#
loop_
_chem_comp.id
_chem_comp.type
_chem_comp.name
_chem_comp.formula
CA non-polymer 'CALCIUM ION' 'Ca 2'
GOL non-polymer GLYCEROL 'C3 H8 O3'
NAG D-saccharide, beta linking 2-acetamido-2-deoxy-beta-D-glucopyranose 'C8 H15 N O6'
#
# COMPACT_ATOMS: atom_id res chain seq x y z
N PRO A 2 23.25 -28.27 -8.84
CA PRO A 2 21.97 -27.58 -8.75
C PRO A 2 22.18 -26.12 -8.35
N MET A 3 23.43 -25.71 -8.07
CA MET A 3 23.71 -24.29 -7.96
C MET A 3 22.96 -23.57 -9.08
N LEU A 4 22.30 -22.49 -8.71
CA LEU A 4 21.47 -21.72 -9.62
C LEU A 4 22.20 -20.43 -9.92
N THR A 5 22.31 -20.09 -11.21
CA THR A 5 22.90 -18.83 -11.64
C THR A 5 21.85 -17.99 -12.34
N GLN A 6 21.60 -16.80 -11.80
CA GLN A 6 20.69 -15.83 -12.40
C GLN A 6 21.46 -14.82 -13.24
N SER A 7 20.72 -14.03 -14.02
CA SER A 7 21.33 -12.95 -14.77
C SER A 7 22.05 -12.01 -13.82
N PRO A 8 23.29 -11.62 -14.11
CA PRO A 8 24.01 -10.71 -13.21
C PRO A 8 23.21 -9.43 -12.98
N SER A 9 23.27 -8.93 -11.74
CA SER A 9 22.25 -8.03 -11.20
C SER A 9 22.45 -6.62 -11.74
N PHE A 10 21.91 -6.37 -12.92
CA PHE A 10 21.97 -5.07 -13.59
C PHE A 10 20.90 -5.03 -14.69
N LEU A 11 19.64 -5.35 -14.38
CA LEU A 11 18.60 -5.41 -15.41
C LEU A 11 17.72 -4.18 -15.37
N SER A 12 17.63 -3.47 -16.49
CA SER A 12 17.03 -2.16 -16.49
C SER A 12 16.02 -2.00 -17.63
N ALA A 13 15.05 -1.11 -17.43
CA ALA A 13 14.06 -0.77 -18.44
C ALA A 13 13.27 0.45 -17.99
N SER A 14 12.67 1.13 -18.96
CA SER A 14 11.81 2.26 -18.70
C SER A 14 10.39 1.83 -18.38
N VAL A 15 9.61 2.77 -17.85
CA VAL A 15 8.22 2.48 -17.54
C VAL A 15 7.50 2.07 -18.81
N GLY A 16 7.05 0.82 -18.86
CA GLY A 16 6.44 0.26 -20.03
C GLY A 16 7.32 -0.68 -20.82
N ASP A 17 8.64 -0.58 -20.63
CA ASP A 17 9.60 -1.45 -21.29
C ASP A 17 9.61 -2.84 -20.64
N ARG A 18 10.52 -3.71 -21.10
CA ARG A 18 10.56 -5.11 -20.73
C ARG A 18 11.94 -5.46 -20.23
N VAL A 19 11.98 -6.31 -19.21
CA VAL A 19 13.23 -6.76 -18.62
C VAL A 19 13.24 -8.28 -18.66
N THR A 20 14.43 -8.87 -18.82
CA THR A 20 14.55 -10.32 -18.85
C THR A 20 15.67 -10.80 -17.93
N ILE A 21 15.34 -11.83 -17.13
CA ILE A 21 16.16 -12.37 -16.07
C ILE A 21 16.18 -13.88 -16.21
N THR A 22 17.34 -14.45 -16.54
CA THR A 22 17.52 -15.88 -16.72
C THR A 22 17.99 -16.53 -15.44
N CYS A 23 17.51 -17.75 -15.20
CA CYS A 23 17.94 -18.56 -14.05
C CYS A 23 18.37 -19.92 -14.58
N GLN A 24 19.66 -20.24 -14.40
CA GLN A 24 20.27 -21.47 -14.91
C GLN A 24 20.53 -22.44 -13.77
N SER A 25 20.29 -23.72 -14.00
CA SER A 25 20.53 -24.72 -12.99
C SER A 25 21.56 -25.72 -13.49
N SER A 26 22.53 -26.07 -12.64
CA SER A 26 23.51 -27.08 -13.06
C SER A 26 22.87 -28.46 -13.17
N GLN A 27 21.96 -28.81 -12.27
CA GLN A 27 21.15 -30.02 -12.43
C GLN A 27 19.73 -29.61 -12.82
N SER A 28 19.07 -30.47 -13.62
CA SER A 28 17.70 -30.14 -14.00
C SER A 28 16.78 -30.30 -12.79
N VAL A 29 15.80 -29.42 -12.69
CA VAL A 29 14.93 -29.40 -11.53
C VAL A 29 13.88 -30.51 -11.64
N TYR A 30 13.34 -30.87 -10.47
CA TYR A 30 12.34 -31.91 -10.38
C TYR A 30 11.23 -31.71 -11.39
N ARG A 31 10.92 -32.76 -12.15
CA ARG A 31 9.88 -32.75 -13.18
C ARG A 31 10.12 -31.63 -14.20
N ASN A 32 11.35 -31.14 -14.31
CA ASN A 32 11.74 -30.13 -15.29
C ASN A 32 11.07 -28.75 -15.09
N LYS A 33 10.18 -28.62 -14.11
CA LYS A 33 9.41 -27.38 -13.97
C LYS A 33 9.29 -26.84 -12.55
N TYR A 34 9.82 -27.53 -11.54
CA TYR A 34 9.73 -27.06 -10.15
C TYR A 34 10.70 -25.90 -9.91
N LEU A 35 10.30 -24.73 -10.40
CA LEU A 35 11.08 -23.52 -10.27
C LEU A 35 10.14 -22.35 -9.97
N SER A 36 10.38 -21.68 -8.85
CA SER A 36 9.52 -20.58 -8.41
C SER A 36 10.27 -19.26 -8.52
N TRP A 37 9.51 -18.20 -8.64
CA TRP A 37 10.04 -16.84 -8.76
C TRP A 37 9.54 -16.02 -7.59
N TYR A 38 10.43 -15.25 -6.99
CA TYR A 38 10.06 -14.42 -5.85
C TYR A 38 10.55 -13.00 -6.08
N GLN A 39 9.79 -12.07 -5.53
CA GLN A 39 10.09 -10.64 -5.61
C GLN A 39 10.36 -10.12 -4.21
N GLN A 40 11.51 -9.46 -4.02
CA GLN A 40 11.85 -8.86 -2.74
C GLN A 40 12.25 -7.40 -2.96
N LYS A 41 11.43 -6.50 -2.46
CA LYS A 41 11.78 -5.10 -2.31
C LYS A 41 12.57 -4.90 -1.02
N PRO A 42 13.36 -3.82 -0.92
CA PRO A 42 14.24 -3.68 0.24
C PRO A 42 13.45 -3.63 1.54
N GLY A 43 13.97 -4.32 2.56
CA GLY A 43 13.35 -4.36 3.87
C GLY A 43 12.08 -5.19 3.99
N LYS A 44 11.52 -5.70 2.90
CA LYS A 44 10.31 -6.51 2.96
C LYS A 44 10.63 -7.99 2.93
N ALA A 45 9.64 -8.80 3.33
CA ALA A 45 9.72 -10.23 3.10
C ALA A 45 9.56 -10.53 1.60
N PRO A 46 10.14 -11.63 1.12
CA PRO A 46 9.88 -12.04 -0.27
C PRO A 46 8.41 -12.36 -0.53
N LYS A 47 7.97 -12.02 -1.74
CA LYS A 47 6.64 -12.34 -2.23
C LYS A 47 6.73 -13.33 -3.39
N LEU A 48 5.95 -14.40 -3.32
CA LEU A 48 5.90 -15.36 -4.42
C LEU A 48 5.18 -14.74 -5.63
N LEU A 49 5.79 -14.89 -6.81
CA LEU A 49 5.16 -14.47 -8.06
C LEU A 49 4.65 -15.63 -8.89
N ILE A 50 5.52 -16.60 -9.15
CA ILE A 50 5.31 -17.61 -10.17
C ILE A 50 5.84 -18.92 -9.61
N TYR A 51 5.16 -20.03 -9.90
CA TYR A 51 5.59 -21.34 -9.46
C TYR A 51 5.28 -22.38 -10.54
N TYR A 52 5.89 -23.56 -10.42
CA TYR A 52 5.90 -24.58 -11.47
C TYR A 52 6.33 -23.97 -12.79
N ALA A 53 7.22 -22.97 -12.71
CA ALA A 53 7.87 -22.30 -13.83
C ALA A 53 7.03 -21.22 -14.49
N SER A 54 5.70 -21.41 -14.55
CA SER A 54 4.85 -20.53 -15.32
C SER A 54 3.50 -20.22 -14.68
N THR A 55 3.14 -20.90 -13.61
CA THR A 55 1.89 -20.62 -12.92
C THR A 55 2.08 -19.41 -12.03
N LEU A 56 1.14 -18.47 -12.09
CA LEU A 56 1.21 -17.23 -11.32
C LEU A 56 0.45 -17.34 -10.02
N ALA A 57 1.05 -16.78 -8.97
CA ALA A 57 0.43 -16.70 -7.67
C ALA A 57 -0.82 -15.84 -7.73
N SER A 58 -1.72 -16.11 -6.80
CA SER A 58 -3.01 -15.44 -6.81
C SER A 58 -2.84 -13.94 -6.61
N GLY A 59 -3.19 -13.16 -7.64
CA GLY A 59 -3.09 -11.72 -7.56
C GLY A 59 -1.88 -11.12 -8.23
N VAL A 60 -0.99 -11.93 -8.76
CA VAL A 60 0.18 -11.41 -9.44
C VAL A 60 -0.22 -10.98 -10.85
N PRO A 61 0.03 -9.73 -11.24
CA PRO A 61 -0.36 -9.29 -12.59
C PRO A 61 0.23 -10.22 -13.65
N SER A 62 -0.47 -10.32 -14.78
CA SER A 62 -0.06 -11.24 -15.85
C SER A 62 1.16 -10.74 -16.61
N ARG A 63 1.68 -9.57 -16.28
CA ARG A 63 2.88 -9.05 -16.92
C ARG A 63 4.14 -9.73 -16.43
N PHE A 64 4.06 -10.54 -15.37
CA PHE A 64 5.14 -11.42 -14.97
C PHE A 64 4.93 -12.78 -15.64
N SER A 65 5.94 -13.23 -16.39
CA SER A 65 5.84 -14.40 -17.26
C SER A 65 7.07 -15.27 -17.09
N GLY A 66 6.87 -16.47 -16.53
CA GLY A 66 7.95 -17.45 -16.37
C GLY A 66 7.88 -18.52 -17.45
N SER A 67 9.00 -18.73 -18.12
CA SER A 67 9.10 -19.77 -19.14
C SER A 67 10.40 -20.54 -18.98
N GLY A 68 10.47 -21.69 -19.64
CA GLY A 68 11.64 -22.54 -19.60
C GLY A 68 11.31 -23.90 -19.02
N SER A 69 12.33 -24.76 -18.99
CA SER A 69 12.23 -26.14 -18.52
C SER A 69 13.62 -26.67 -18.19
N GLY A 70 13.65 -27.85 -17.59
CA GLY A 70 14.89 -28.57 -17.42
C GLY A 70 15.91 -27.82 -16.61
N THR A 71 16.85 -27.16 -17.28
CA THR A 71 17.93 -26.46 -16.60
C THR A 71 17.88 -24.95 -16.82
N GLU A 72 16.92 -24.46 -17.62
CA GLU A 72 16.91 -23.09 -18.11
C GLU A 72 15.54 -22.46 -17.95
N PHE A 73 15.47 -21.36 -17.21
CA PHE A 73 14.22 -20.65 -16.97
C PHE A 73 14.48 -19.17 -17.14
N THR A 74 13.40 -18.42 -17.26
CA THR A 74 13.50 -17.00 -17.57
C THR A 74 12.25 -16.32 -17.03
N LEU A 75 12.44 -15.16 -16.44
CA LEU A 75 11.36 -14.33 -15.94
C LEU A 75 11.30 -13.07 -16.79
N THR A 76 10.21 -12.90 -17.54
CA THR A 76 10.00 -11.72 -18.36
C THR A 76 9.03 -10.79 -17.63
N ILE A 77 9.50 -9.60 -17.29
CA ILE A 77 8.65 -8.55 -16.74
C ILE A 77 8.33 -7.59 -17.87
N SER A 78 7.11 -7.70 -18.39
CA SER A 78 6.60 -6.79 -19.39
C SER A 78 5.97 -5.57 -18.69
N SER A 79 5.65 -4.55 -19.49
CA SER A 79 5.06 -3.29 -19.02
C SER A 79 5.64 -2.84 -17.67
N LEU A 80 6.95 -2.66 -17.65
CA LEU A 80 7.63 -2.35 -16.40
C LEU A 80 7.11 -1.04 -15.82
N GLN A 81 7.14 -0.94 -14.49
CA GLN A 81 6.68 0.20 -13.71
C GLN A 81 7.56 0.32 -12.47
N PRO A 82 7.63 1.51 -11.85
CA PRO A 82 8.48 1.64 -10.65
C PRO A 82 8.09 0.73 -9.50
N GLU A 83 6.84 0.28 -9.43
CA GLU A 83 6.49 -0.68 -8.40
C GLU A 83 7.23 -2.01 -8.54
N ASP A 84 7.98 -2.20 -9.63
CA ASP A 84 8.76 -3.39 -9.89
C ASP A 84 10.25 -3.25 -9.56
N PHE A 85 10.70 -2.11 -8.99
CA PHE A 85 12.07 -2.07 -8.49
C PHE A 85 12.18 -3.04 -7.32
N ALA A 86 12.97 -4.10 -7.51
CA ALA A 86 13.07 -5.17 -6.53
C ALA A 86 14.28 -6.00 -6.91
N THR A 87 14.59 -6.97 -6.07
CA THR A 87 15.48 -8.06 -6.47
C THR A 87 14.65 -9.33 -6.62
N TYR A 88 15.00 -10.17 -7.60
CA TYR A 88 14.20 -11.32 -7.98
C TYR A 88 15.01 -12.60 -7.85
N TYR A 89 14.44 -13.57 -7.15
CA TYR A 89 15.10 -14.86 -6.94
C TYR A 89 14.27 -15.98 -7.58
N CYS A 90 14.98 -16.93 -8.19
CA CYS A 90 14.41 -18.22 -8.56
C CYS A 90 14.79 -19.24 -7.50
N ALA A 91 13.93 -20.24 -7.31
CA ALA A 91 14.21 -21.31 -6.36
C ALA A 91 13.88 -22.64 -7.02
N GLY A 92 14.77 -23.61 -6.87
CA GLY A 92 14.62 -24.91 -7.48
C GLY A 92 14.38 -25.98 -6.44
N ASP A 93 13.62 -27.00 -6.84
CA ASP A 93 13.52 -28.24 -6.09
C ASP A 93 14.24 -29.32 -6.87
N TYR A 94 14.70 -30.35 -6.16
CA TYR A 94 15.48 -31.43 -6.75
C TYR A 94 15.12 -32.72 -6.03
N SER A 95 15.56 -33.84 -6.59
CA SER A 95 15.10 -35.14 -6.15
C SER A 95 15.64 -35.53 -4.79
N ASP A 96 16.70 -34.89 -4.33
CA ASP A 96 17.07 -34.90 -2.91
C ASP A 96 16.99 -33.46 -2.41
N ASP A 97 16.23 -33.24 -1.35
CA ASP A 97 15.96 -31.89 -0.89
C ASP A 97 17.20 -31.21 -0.34
N ILE A 98 18.28 -31.95 -0.09
CA ILE A 98 19.50 -31.35 0.42
C ILE A 98 20.10 -30.38 -0.59
N GLU A 99 19.57 -30.31 -1.80
CA GLU A 99 20.11 -29.44 -2.82
C GLU A 99 19.22 -28.26 -3.15
N ASN A 100 18.00 -28.24 -2.63
CA ASN A 100 17.09 -27.11 -2.86
C ASN A 100 17.81 -25.81 -2.52
N ALA A 101 17.69 -24.82 -3.41
CA ALA A 101 18.42 -23.56 -3.24
C ALA A 101 17.77 -22.46 -4.06
N PHE A 102 18.13 -21.21 -3.72
CA PHE A 102 17.78 -20.02 -4.49
C PHE A 102 18.88 -19.70 -5.49
N GLY A 103 18.55 -18.87 -6.46
CA GLY A 103 19.56 -18.21 -7.24
C GLY A 103 20.18 -17.06 -6.46
N GLY A 104 21.12 -16.37 -7.10
CA GLY A 104 21.78 -15.28 -6.43
C GLY A 104 21.03 -13.95 -6.43
N GLY A 105 19.91 -13.86 -7.14
CA GLY A 105 19.15 -12.63 -7.22
C GLY A 105 19.55 -11.73 -8.38
N THR A 106 18.56 -11.09 -9.01
CA THR A 106 18.81 -10.10 -10.06
C THR A 106 17.99 -8.86 -9.74
N LYS A 107 18.64 -7.75 -9.48
CA LYS A 107 17.91 -6.51 -9.22
C LYS A 107 17.46 -5.90 -10.52
N VAL A 108 16.25 -5.36 -10.51
CA VAL A 108 15.67 -4.63 -11.63
C VAL A 108 15.61 -3.16 -11.24
N GLU A 109 15.92 -2.28 -12.19
CA GLU A 109 15.96 -0.84 -11.95
C GLU A 109 15.15 -0.11 -13.01
N ILE A 110 14.18 0.68 -12.59
CA ILE A 110 13.35 1.42 -13.53
C ILE A 110 14.11 2.66 -13.98
N LYS A 111 14.31 2.79 -15.28
CA LYS A 111 14.72 4.08 -15.82
C LYS A 111 13.49 5.01 -15.84
N ARG A 112 13.69 6.23 -15.35
CA ARG A 112 12.78 7.35 -15.54
C ARG A 112 13.54 8.52 -16.15
N THR A 113 12.86 9.66 -16.30
CA THR A 113 13.54 10.87 -16.75
C THR A 113 14.42 11.45 -15.64
N VAL A 114 15.51 12.12 -16.05
CA VAL A 114 16.47 12.65 -15.09
C VAL A 114 15.78 13.64 -14.15
N ALA A 115 16.16 13.60 -12.87
CA ALA A 115 15.62 14.52 -11.87
C ALA A 115 16.74 14.96 -10.94
N ALA A 116 17.00 16.27 -10.90
CA ALA A 116 18.04 16.80 -10.03
C ALA A 116 17.60 16.80 -8.57
N PRO A 117 18.53 16.70 -7.64
CA PRO A 117 18.16 16.60 -6.23
C PRO A 117 17.84 17.95 -5.62
N SER A 118 16.97 17.93 -4.61
CA SER A 118 16.77 19.07 -3.75
C SER A 118 17.70 18.88 -2.56
N VAL A 119 18.54 19.85 -2.32
CA VAL A 119 19.56 19.73 -1.30
C VAL A 119 19.13 20.50 -0.08
N PHE A 120 19.43 19.94 1.08
CA PHE A 120 19.29 20.62 2.35
C PHE A 120 20.50 20.30 3.19
N ILE A 121 20.97 21.28 3.95
CA ILE A 121 22.08 21.11 4.86
C ILE A 121 21.59 21.42 6.27
N PHE A 122 21.90 20.52 7.21
CA PHE A 122 21.46 20.60 8.60
C PHE A 122 22.65 20.84 9.53
N PRO A 123 22.62 21.86 10.38
CA PRO A 123 23.68 22.04 11.39
C PRO A 123 23.48 21.08 12.57
N PRO A 124 24.54 20.82 13.32
CA PRO A 124 24.40 20.01 14.54
C PRO A 124 23.38 20.57 15.52
N SER A 125 22.94 19.71 16.43
CA SER A 125 22.05 20.10 17.51
C SER A 125 22.83 20.50 18.75
N ASP A 126 22.28 21.46 19.52
CA ASP A 126 22.86 21.79 20.80
C ASP A 126 22.93 20.57 21.70
N GLU A 127 21.95 19.68 21.58
CA GLU A 127 22.00 18.41 22.29
C GLU A 127 23.35 17.72 22.06
N GLN A 128 23.78 17.64 20.80
CA GLN A 128 24.94 16.84 20.46
C GLN A 128 26.25 17.57 20.70
N LEU A 129 26.27 18.89 20.46
CA LEU A 129 27.44 19.68 20.83
C LEU A 129 27.79 19.48 22.29
N LYS A 130 26.78 19.39 23.17
CA LYS A 130 27.05 19.13 24.58
C LYS A 130 27.87 17.85 24.80
N SER A 131 27.92 16.95 23.81
CA SER A 131 28.61 15.67 23.90
C SER A 131 30.06 15.69 23.40
N GLY A 132 30.51 16.78 22.78
CA GLY A 132 31.88 16.87 22.27
C GLY A 132 32.04 16.59 20.79
N THR A 133 31.06 15.94 20.15
CA THR A 133 31.04 15.68 18.72
C THR A 133 29.96 16.52 18.04
N ALA A 134 30.17 16.80 16.75
CA ALA A 134 29.25 17.62 15.95
C ALA A 134 29.04 16.98 14.58
N SER A 135 27.81 16.55 14.28
CA SER A 135 27.46 16.01 12.97
C SER A 135 26.86 17.09 12.09
N VAL A 136 27.36 17.20 10.85
CA VAL A 136 26.73 18.02 9.83
C VAL A 136 26.10 17.10 8.79
N VAL A 137 24.85 17.36 8.44
CA VAL A 137 24.07 16.45 7.59
C VAL A 137 23.63 17.20 6.34
N CYS A 138 24.01 16.68 5.17
CA CYS A 138 23.64 17.21 3.88
C CYS A 138 22.74 16.18 3.19
N LEU A 139 21.52 16.58 2.85
CA LEU A 139 20.51 15.66 2.33
C LEU A 139 20.20 15.97 0.88
N LEU A 140 20.21 14.93 0.04
CA LEU A 140 19.96 15.05 -1.39
C LEU A 140 18.71 14.24 -1.71
N ASN A 141 17.64 14.93 -2.09
CA ASN A 141 16.28 14.38 -2.05
C ASN A 141 15.74 14.15 -3.45
N ASN A 142 15.33 12.91 -3.73
CA ASN A 142 14.50 12.52 -4.88
C ASN A 142 15.15 12.88 -6.20
N PHE A 143 16.35 12.34 -6.40
CA PHE A 143 17.09 12.51 -7.62
C PHE A 143 17.16 11.20 -8.38
N TYR A 144 17.56 11.30 -9.64
CA TYR A 144 17.73 10.15 -10.50
C TYR A 144 18.65 10.55 -11.64
N PRO A 145 19.65 9.73 -12.00
CA PRO A 145 19.99 8.40 -11.46
C PRO A 145 21.04 8.46 -10.35
N ARG A 146 21.44 7.30 -9.80
CA ARG A 146 22.03 7.24 -8.46
C ARG A 146 23.35 7.98 -8.33
N GLU A 147 24.08 8.16 -9.43
CA GLU A 147 25.39 8.80 -9.37
C GLU A 147 25.20 10.26 -8.97
N ALA A 148 25.74 10.63 -7.81
CA ALA A 148 25.70 12.00 -7.31
C ALA A 148 27.02 12.23 -6.60
N LYS A 149 27.41 13.50 -6.44
CA LYS A 149 28.69 13.81 -5.82
C LYS A 149 28.55 14.94 -4.80
N VAL A 150 29.08 14.73 -3.60
CA VAL A 150 28.95 15.65 -2.49
C VAL A 150 30.34 16.07 -2.02
N GLN A 151 30.60 17.38 -2.05
CA GLN A 151 31.87 17.97 -1.67
C GLN A 151 31.66 18.84 -0.43
N TRP A 152 32.24 18.44 0.71
CA TRP A 152 32.14 19.22 1.93
C TRP A 152 33.21 20.32 1.96
N LYS A 153 32.80 21.54 2.35
CA LYS A 153 33.69 22.67 2.51
C LYS A 153 33.47 23.36 3.86
N VAL A 154 34.58 23.76 4.50
CA VAL A 154 34.59 24.44 5.81
C VAL A 154 35.40 25.72 5.68
N ASP A 155 34.71 26.87 5.68
CA ASP A 155 35.30 28.16 5.29
C ASP A 155 36.02 28.05 3.95
N ASN A 156 35.27 27.59 2.93
CA ASN A 156 35.75 27.42 1.55
C ASN A 156 36.89 26.42 1.43
N ALA A 157 37.07 25.54 2.42
CA ALA A 157 38.17 24.57 2.44
C ALA A 157 37.62 23.16 2.21
N LEU A 158 38.03 22.54 1.09
CA LEU A 158 37.57 21.22 0.74
C LEU A 158 37.98 20.19 1.79
N GLN A 159 37.07 19.26 2.06
CA GLN A 159 37.25 18.26 3.11
C GLN A 159 37.47 16.89 2.48
N SER A 160 37.97 15.96 3.29
CA SER A 160 38.39 14.66 2.80
C SER A 160 38.45 13.69 3.97
N GLY A 161 37.98 12.46 3.75
CA GLY A 161 38.03 11.42 4.77
C GLY A 161 37.17 11.75 5.98
N ASN A 162 36.32 12.74 5.82
CA ASN A 162 35.54 13.34 6.90
C ASN A 162 34.06 12.98 6.86
N SER A 163 33.65 12.16 5.91
CA SER A 163 32.26 12.08 5.53
C SER A 163 31.84 10.64 5.28
N GLN A 164 30.63 10.32 5.70
CA GLN A 164 30.01 9.05 5.42
C GLN A 164 28.70 9.28 4.68
N GLU A 165 28.40 8.41 3.72
CA GLU A 165 27.20 8.56 2.91
C GLU A 165 26.25 7.40 3.16
N SER A 166 25.03 7.57 2.66
CA SER A 166 24.01 6.53 2.73
C SER A 166 22.97 6.89 1.69
N VAL A 167 22.57 5.93 0.88
CA VAL A 167 21.66 6.17 -0.23
C VAL A 167 20.48 5.20 -0.12
N THR A 168 19.27 5.71 -0.26
CA THR A 168 18.11 4.85 -0.21
C THR A 168 18.10 3.93 -1.42
N GLU A 169 17.13 3.03 -1.43
CA GLU A 169 16.93 2.24 -2.62
C GLU A 169 15.97 2.97 -3.55
N GLN A 170 15.76 2.42 -4.74
CA GLN A 170 14.92 3.11 -5.71
C GLN A 170 13.49 3.18 -5.18
N ASP A 171 12.95 4.39 -5.14
CA ASP A 171 11.63 4.62 -4.57
C ASP A 171 10.57 3.88 -5.40
N SER A 172 9.69 3.16 -4.71
CA SER A 172 8.73 2.31 -5.42
C SER A 172 7.63 3.14 -6.06
N LYS A 173 7.33 4.32 -5.50
CA LYS A 173 6.27 5.14 -6.06
C LYS A 173 6.72 5.95 -7.27
N ASP A 174 7.98 6.43 -7.28
CA ASP A 174 8.44 7.31 -8.35
C ASP A 174 9.89 7.09 -8.79
N SER A 175 10.54 6.02 -8.36
CA SER A 175 11.79 5.57 -8.99
C SER A 175 12.95 6.55 -8.81
N THR A 176 12.92 7.34 -7.74
CA THR A 176 14.04 8.21 -7.42
C THR A 176 14.86 7.66 -6.27
N TYR A 177 15.96 8.35 -5.99
CA TYR A 177 16.89 8.04 -4.92
C TYR A 177 17.01 9.24 -3.99
N SER A 178 17.35 8.96 -2.74
CA SER A 178 17.78 10.00 -1.81
C SER A 178 19.18 9.64 -1.31
N LEU A 179 19.90 10.66 -0.85
CA LEU A 179 21.25 10.49 -0.32
C LEU A 179 21.46 11.39 0.88
N SER A 180 22.25 10.90 1.84
CA SER A 180 22.59 11.65 3.03
C SER A 180 24.09 11.60 3.24
N SER A 181 24.70 12.76 3.50
CA SER A 181 26.12 12.85 3.83
C SER A 181 26.27 13.37 5.25
N THR A 182 27.18 12.76 6.01
CA THR A 182 27.39 13.11 7.41
C THR A 182 28.84 13.52 7.60
N LEU A 183 29.07 14.81 7.86
CA LEU A 183 30.35 15.35 8.25
C LEU A 183 30.50 15.24 9.76
N THR A 184 31.54 14.57 10.23
CA THR A 184 31.80 14.41 11.66
C THR A 184 33.03 15.23 12.07
N LEU A 185 32.81 16.22 12.93
CA LEU A 185 33.88 17.04 13.50
C LEU A 185 33.77 17.01 15.02
N SER A 186 34.91 17.26 15.67
CA SER A 186 34.91 17.48 17.11
C SER A 186 34.26 18.82 17.41
N LYS A 187 33.69 18.95 18.61
CA LYS A 187 33.14 20.23 19.03
C LYS A 187 34.14 21.35 18.83
N ALA A 188 35.38 21.15 19.26
CA ALA A 188 36.45 22.13 19.08
C ALA A 188 36.58 22.54 17.62
N ASP A 189 36.82 21.56 16.74
CA ASP A 189 37.01 21.86 15.33
C ASP A 189 35.79 22.56 14.75
N TYR A 190 34.58 22.13 15.16
CA TYR A 190 33.36 22.73 14.62
C TYR A 190 33.22 24.20 15.00
N GLU A 191 33.69 24.59 16.18
CA GLU A 191 33.52 25.97 16.63
C GLU A 191 34.75 26.84 16.39
N LYS A 192 35.73 26.35 15.63
CA LYS A 192 36.78 27.20 15.10
C LYS A 192 36.44 27.74 13.71
N HIS A 193 35.26 27.45 13.17
CA HIS A 193 34.93 27.87 11.83
C HIS A 193 33.51 28.42 11.77
N LYS A 194 33.17 29.02 10.63
CA LYS A 194 31.93 29.77 10.48
C LYS A 194 31.02 29.22 9.39
N VAL A 195 31.53 29.00 8.18
CA VAL A 195 30.70 28.69 7.00
C VAL A 195 30.82 27.21 6.68
N TYR A 196 29.69 26.51 6.74
CA TYR A 196 29.61 25.08 6.46
C TYR A 196 28.68 24.85 5.29
N ALA A 197 29.20 24.21 4.24
CA ALA A 197 28.50 24.10 2.97
C ALA A 197 28.76 22.72 2.38
N CYS A 198 27.80 22.21 1.60
CA CYS A 198 27.99 20.99 0.82
C CYS A 198 27.64 21.25 -0.64
N GLU A 199 28.55 20.90 -1.52
CA GLU A 199 28.39 21.13 -2.95
C GLU A 199 27.85 19.87 -3.61
N VAL A 200 26.69 19.99 -4.25
CA VAL A 200 26.04 18.87 -4.93
C VAL A 200 26.15 19.07 -6.43
N THR A 201 26.81 18.13 -7.09
CA THR A 201 26.89 18.08 -8.54
C THR A 201 26.25 16.79 -9.02
N HIS A 202 25.50 16.90 -10.12
CA HIS A 202 24.65 15.80 -10.57
C HIS A 202 24.09 16.12 -11.96
N GLN A 203 23.75 15.05 -12.67
CA GLN A 203 23.43 15.14 -14.09
C GLN A 203 22.25 16.07 -14.36
N GLY A 204 21.32 16.22 -13.40
CA GLY A 204 20.19 17.11 -13.59
C GLY A 204 20.44 18.57 -13.26
N LEU A 205 21.62 18.91 -12.74
CA LEU A 205 21.99 20.29 -12.43
C LEU A 205 22.99 20.78 -13.47
N SER A 206 22.66 21.90 -14.12
CA SER A 206 23.62 22.53 -15.03
C SER A 206 24.88 22.98 -14.30
N SER A 207 24.73 23.70 -13.18
CA SER A 207 25.83 24.18 -12.33
C SER A 207 25.77 23.50 -10.96
N PRO A 208 26.90 23.13 -10.37
CA PRO A 208 26.83 22.47 -9.06
C PRO A 208 26.11 23.35 -8.03
N VAL A 209 25.08 22.79 -7.42
CA VAL A 209 24.32 23.50 -6.38
C VAL A 209 25.13 23.49 -5.10
N THR A 210 25.14 24.62 -4.37
CA THR A 210 25.73 24.68 -3.04
C THR A 210 24.69 25.15 -2.03
N LYS A 211 24.74 24.56 -0.83
CA LYS A 211 23.84 24.90 0.26
C LYS A 211 24.67 25.04 1.53
N SER A 212 24.53 26.18 2.23
CA SER A 212 25.41 26.51 3.34
C SER A 212 24.61 26.89 4.59
N PHE A 213 25.36 27.12 5.67
CA PHE A 213 24.86 27.79 6.86
C PHE A 213 26.06 28.37 7.59
N ASN A 214 25.86 29.53 8.20
CA ASN A 214 26.85 30.12 9.07
C ASN A 214 26.55 29.71 10.51
N ARG A 215 27.58 29.26 11.23
CA ARG A 215 27.38 28.81 12.60
C ARG A 215 26.82 29.92 13.48
N GLY A 216 25.56 29.79 13.90
CA GLY A 216 24.91 30.78 14.75
C GLY A 216 23.76 31.60 14.13
N GLU A 217 23.07 31.10 13.10
CA GLU A 217 21.97 31.85 12.50
C GLU A 217 20.76 31.91 13.43
N GLN B 1 -4.52 -17.21 7.61
CA GLN B 1 -3.24 -17.93 7.54
C GLN B 1 -2.05 -16.96 7.60
N SER B 2 -1.21 -17.09 8.63
CA SER B 2 -0.05 -16.21 8.73
C SER B 2 0.95 -16.85 9.66
N VAL B 3 2.21 -16.43 9.52
CA VAL B 3 3.29 -16.89 10.39
C VAL B 3 3.94 -15.68 11.05
N LYS B 4 4.49 -15.87 12.24
CA LYS B 4 5.14 -14.78 12.96
C LYS B 4 6.38 -15.31 13.64
N GLU B 5 7.52 -14.67 13.41
CA GLU B 5 8.77 -15.04 14.06
C GLU B 5 9.06 -14.21 15.30
N SER B 6 9.72 -14.84 16.26
CA SER B 6 10.11 -14.22 17.51
C SER B 6 11.24 -13.21 17.29
N GLY B 7 11.55 -12.47 18.35
CA GLY B 7 12.63 -11.48 18.26
C GLY B 7 13.97 -12.15 18.07
N GLY B 8 14.82 -11.52 17.27
CA GLY B 8 16.22 -11.91 17.23
C GLY B 8 17.04 -10.95 18.06
N GLY B 9 18.14 -10.45 17.51
CA GLY B 9 18.95 -9.46 18.20
C GLY B 9 20.43 -9.78 18.22
N LEU B 10 21.11 -9.41 19.30
CA LEU B 10 22.55 -9.65 19.44
C LEU B 10 22.82 -11.01 20.06
N PHE B 11 23.76 -11.74 19.47
CA PHE B 11 24.16 -13.06 19.95
C PHE B 11 25.67 -13.14 20.00
N GLN B 12 26.19 -13.51 21.17
CA GLN B 12 27.60 -13.75 21.39
C GLN B 12 28.05 -15.04 20.68
N PRO B 13 29.34 -15.16 20.35
CA PRO B 13 29.81 -16.38 19.71
C PRO B 13 29.60 -17.64 20.55
N GLY B 14 29.63 -17.53 21.88
CA GLY B 14 29.31 -18.65 22.75
C GLY B 14 27.82 -18.97 22.86
N GLY B 15 26.95 -18.08 22.34
CA GLY B 15 25.53 -18.27 22.52
C GLY B 15 24.88 -19.23 21.50
N SER B 16 23.64 -19.61 21.82
CA SER B 16 22.82 -20.51 21.01
C SER B 16 21.59 -19.75 20.52
N LEU B 17 21.39 -19.75 19.21
CA LEU B 17 20.28 -19.03 18.57
C LEU B 17 19.02 -19.90 18.59
N ARG B 18 17.92 -19.34 19.07
CA ARG B 18 16.65 -20.06 19.11
C ARG B 18 15.57 -19.13 18.54
N LEU B 19 14.96 -19.56 17.43
CA LEU B 19 13.97 -18.74 16.73
C LEU B 19 12.68 -19.52 16.62
N SER B 20 11.56 -18.88 16.95
CA SER B 20 10.26 -19.54 16.86
C SER B 20 9.40 -18.86 15.80
N CYS B 21 8.64 -19.68 15.07
CA CYS B 21 7.77 -19.26 13.96
C CYS B 21 6.36 -19.71 14.32
N SER B 22 5.54 -18.78 14.83
CA SER B 22 4.17 -19.08 15.24
C SER B 22 3.22 -18.94 14.04
N VAL B 23 2.62 -20.05 13.60
CA VAL B 23 1.67 -20.03 12.48
C VAL B 23 0.26 -19.87 13.00
N SER B 24 -0.63 -19.35 12.16
CA SER B 24 -2.03 -19.19 12.53
C SER B 24 -2.89 -19.17 11.28
N GLY B 25 -4.09 -19.73 11.39
CA GLY B 25 -4.94 -19.85 10.22
C GLY B 25 -4.63 -21.04 9.36
N PHE B 26 -3.71 -21.91 9.79
CA PHE B 26 -3.50 -23.18 9.11
C PHE B 26 -2.78 -24.14 10.05
N SER B 27 -2.85 -25.42 9.70
CA SER B 27 -2.28 -26.48 10.51
C SER B 27 -0.92 -26.91 9.97
N LEU B 28 0.00 -27.24 10.90
CA LEU B 28 1.30 -27.83 10.56
C LEU B 28 1.18 -29.29 10.13
N SER B 29 0.03 -29.92 10.41
CA SER B 29 -0.24 -31.25 9.87
C SER B 29 -0.41 -31.24 8.37
N SER B 30 -0.62 -30.07 7.75
CA SER B 30 -0.94 -30.02 6.33
C SER B 30 0.11 -29.31 5.47
N TYR B 31 1.10 -28.65 6.07
CA TYR B 31 2.09 -27.87 5.32
C TYR B 31 3.48 -28.03 5.93
N ALA B 32 4.50 -27.79 5.10
CA ALA B 32 5.88 -27.73 5.55
C ALA B 32 6.23 -26.29 5.92
N ILE B 33 7.12 -26.13 6.89
CA ILE B 33 7.66 -24.83 7.27
C ILE B 33 9.12 -24.78 6.86
N SER B 34 9.50 -23.71 6.17
CA SER B 34 10.84 -23.49 5.65
C SER B 34 11.50 -22.30 6.34
N TRP B 35 12.81 -22.42 6.60
CA TRP B 35 13.60 -21.34 7.18
C TRP B 35 14.59 -20.83 6.14
N VAL B 36 14.57 -19.53 5.91
CA VAL B 36 15.48 -18.89 4.98
C VAL B 36 16.20 -17.75 5.70
N ARG B 37 17.45 -17.49 5.32
CA ARG B 37 18.21 -16.36 5.86
C ARG B 37 18.85 -15.57 4.72
N GLN B 38 19.41 -14.42 5.08
CA GLN B 38 20.00 -13.49 4.12
C GLN B 38 21.03 -12.62 4.85
N ALA B 39 22.31 -12.81 4.52
CA ALA B 39 23.35 -11.93 5.06
C ALA B 39 23.08 -10.50 4.62
N PRO B 40 23.48 -9.51 5.43
CA PRO B 40 23.25 -8.12 5.03
C PRO B 40 23.95 -7.80 3.71
N GLY B 41 23.18 -7.29 2.77
CA GLY B 41 23.65 -6.97 1.45
C GLY B 41 23.70 -8.12 0.47
N LYS B 42 23.37 -9.36 0.90
CA LYS B 42 23.58 -10.58 0.13
C LYS B 42 22.22 -11.19 -0.31
N GLY B 43 22.26 -12.45 -0.75
CA GLY B 43 21.09 -13.09 -1.32
C GLY B 43 20.39 -14.07 -0.38
N LEU B 44 19.14 -14.40 -0.72
CA LEU B 44 18.41 -15.42 0.01
C LEU B 44 19.20 -16.74 0.06
N GLU B 45 19.24 -17.36 1.23
CA GLU B 45 19.95 -18.62 1.41
C GLU B 45 19.02 -19.64 2.06
N TYR B 46 18.75 -20.73 1.34
CA TYR B 46 17.79 -21.72 1.80
C TYR B 46 18.43 -22.59 2.87
N ILE B 47 17.83 -22.62 4.06
CA ILE B 47 18.40 -23.37 5.18
C ILE B 47 17.92 -24.81 5.15
N GLY B 48 16.59 -24.99 5.22
CA GLY B 48 16.02 -26.30 5.34
C GLY B 48 14.54 -26.16 5.65
N TYR B 49 13.94 -27.26 6.05
CA TYR B 49 12.51 -27.24 6.34
C TYR B 49 12.20 -28.35 7.32
N ILE B 50 10.93 -28.43 7.70
CA ILE B 50 10.40 -29.56 8.44
C ILE B 50 9.07 -29.95 7.78
N SER B 51 8.93 -31.22 7.40
CA SER B 51 7.78 -31.61 6.62
C SER B 51 6.53 -31.62 7.49
N SER B 52 5.38 -31.86 6.84
CA SER B 52 4.10 -31.84 7.55
C SER B 52 3.90 -33.06 8.45
N ILE B 53 4.70 -34.11 8.32
CA ILE B 53 4.62 -35.20 9.28
C ILE B 53 5.64 -35.01 10.42
N GLY B 54 6.33 -33.85 10.44
CA GLY B 54 7.18 -33.48 11.54
C GLY B 54 8.65 -33.75 11.35
N ASP B 55 9.07 -34.16 10.17
CA ASP B 55 10.46 -34.53 9.96
C ASP B 55 11.22 -33.37 9.34
N PRO B 56 12.39 -33.02 9.90
CA PRO B 56 13.21 -31.96 9.31
C PRO B 56 14.28 -32.47 8.37
N TYR B 57 14.69 -31.63 7.42
CA TYR B 57 15.71 -31.93 6.42
C TYR B 57 16.42 -30.63 6.07
N TYR B 58 17.71 -30.71 5.74
CA TYR B 58 18.57 -29.54 5.71
C TYR B 58 19.41 -29.49 4.45
N ALA B 59 19.72 -28.29 3.98
CA ALA B 59 20.41 -28.10 2.71
C ALA B 59 21.89 -28.46 2.84
N ASP B 60 22.69 -28.07 1.85
CA ASP B 60 24.08 -28.55 1.74
C ASP B 60 25.09 -27.54 2.26
N TRP B 61 25.20 -27.45 3.58
CA TRP B 61 26.23 -26.65 4.25
C TRP B 61 26.12 -26.76 5.77
N LYS B 63 27.59 -22.75 5.73
CA LYS B 63 28.07 -23.53 6.90
C LYS B 63 27.10 -23.30 8.06
N GLY B 64 26.74 -24.36 8.79
CA GLY B 64 25.88 -24.17 9.97
C GLY B 64 25.52 -25.46 10.69
N ARG B 65 25.12 -25.35 11.96
CA ARG B 65 24.65 -26.53 12.72
C ARG B 65 23.20 -26.26 13.11
N PHE B 66 22.26 -26.67 12.28
CA PHE B 66 20.85 -26.31 12.53
C PHE B 66 20.01 -27.47 13.04
N THR B 67 18.94 -27.13 13.74
CA THR B 67 17.96 -28.15 14.18
C THR B 67 16.60 -27.48 14.13
N ILE B 68 15.71 -27.97 13.28
CA ILE B 68 14.36 -27.47 13.16
C ILE B 68 13.45 -28.43 13.92
N SER B 69 12.55 -27.89 14.72
CA SER B 69 11.63 -28.72 15.47
C SER B 69 10.25 -28.06 15.39
N ARG B 70 9.27 -28.68 16.03
CA ARG B 70 7.94 -28.08 16.02
C ARG B 70 7.11 -28.69 17.14
N ASP B 71 6.14 -27.92 17.59
CA ASP B 71 5.07 -28.42 18.42
C ASP B 71 3.77 -28.23 17.65
N SER B 72 2.66 -28.26 18.38
CA SER B 72 1.35 -28.22 17.76
C SER B 72 1.17 -27.00 16.85
N SER B 73 1.85 -25.88 17.14
CA SER B 73 1.51 -24.62 16.50
C SER B 73 2.68 -23.68 16.26
N THR B 74 3.92 -24.12 16.43
CA THR B 74 5.10 -23.28 16.22
C THR B 74 6.25 -24.15 15.75
N VAL B 75 7.24 -23.53 15.12
CA VAL B 75 8.38 -24.23 14.57
C VAL B 75 9.65 -23.50 15.00
N TYR B 76 10.61 -24.22 15.57
CA TYR B 76 11.79 -23.63 16.17
C TYR B 76 13.02 -23.96 15.35
N LEU B 77 13.78 -22.93 15.02
CA LEU B 77 15.10 -23.08 14.43
C LEU B 77 16.14 -22.85 15.53
N GLN B 78 16.96 -23.86 15.80
CA GLN B 78 18.02 -23.77 16.78
C GLN B 78 19.39 -23.88 16.13
N MET B 79 20.26 -22.92 16.42
CA MET B 79 21.61 -22.91 15.89
C MET B 79 22.61 -22.98 17.02
N THR B 80 23.79 -23.50 16.71
CA THR B 80 24.81 -23.71 17.72
C THR B 80 26.12 -23.29 17.08
N SER B 81 27.15 -23.12 17.91
CA SER B 81 28.49 -22.71 17.47
C SER B 81 28.41 -21.55 16.48
N LEU B 82 28.10 -20.36 17.01
CA LEU B 82 27.77 -19.26 16.11
C LEU B 82 29.01 -18.61 15.51
N ARG B 83 28.81 -17.91 14.42
CA ARG B 83 29.87 -17.31 13.64
C ARG B 83 29.39 -15.97 13.14
N ALA B 84 30.36 -15.11 12.81
CA ALA B 84 30.05 -13.84 12.18
C ALA B 84 29.21 -14.02 10.93
N GLU B 85 29.41 -15.12 10.19
CA GLU B 85 28.64 -15.32 8.97
C GLU B 85 27.23 -15.86 9.24
N ASP B 86 26.82 -15.94 10.50
CA ASP B 86 25.45 -16.24 10.85
C ASP B 86 24.62 -14.98 10.98
N THR B 87 25.24 -13.83 10.84
CA THR B 87 24.55 -12.57 10.98
C THR B 87 23.65 -12.39 9.76
N ALA B 88 22.35 -12.54 9.95
CA ALA B 88 21.45 -12.45 8.82
C ALA B 88 20.06 -12.12 9.30
N VAL B 89 19.22 -11.75 8.34
CA VAL B 89 17.79 -11.67 8.57
C VAL B 89 17.22 -13.06 8.29
N TYR B 90 16.52 -13.62 9.27
CA TYR B 90 15.99 -14.98 9.18
C TYR B 90 14.50 -14.95 8.90
N PHE B 91 14.05 -15.78 7.94
CA PHE B 91 12.67 -15.82 7.49
C PHE B 91 12.13 -17.23 7.67
N CYS B 92 10.92 -17.34 8.20
CA CYS B 92 10.17 -18.58 8.09
C CYS B 92 9.04 -18.39 7.08
N ALA B 93 8.69 -19.47 6.38
CA ALA B 93 7.74 -19.42 5.29
C ALA B 93 7.00 -20.74 5.18
N ARG B 94 5.77 -20.70 4.71
CA ARG B 94 4.98 -21.90 4.50
C ARG B 94 5.34 -22.49 3.13
N SER B 95 5.53 -23.82 3.10
CA SER B 95 5.90 -24.56 1.88
C SER B 95 4.80 -25.51 1.47
N TYR B 96 4.49 -25.55 0.15
CA TYR B 96 3.23 -26.21 -0.12
C TYR B 96 3.38 -27.72 -0.11
N PRO B 97 4.12 -28.38 -1.00
CA PRO B 97 4.12 -29.83 -0.91
C PRO B 97 4.49 -30.15 0.52
N GLY B 98 3.49 -30.59 1.30
CA GLY B 98 3.74 -31.02 2.66
C GLY B 98 4.95 -31.92 2.78
N ASN B 99 5.22 -32.73 1.74
CA ASN B 99 6.45 -33.53 1.80
C ASN B 99 7.72 -32.69 1.80
N GLY B 100 7.64 -31.40 1.53
CA GLY B 100 8.79 -30.52 1.66
C GLY B 100 9.48 -30.13 0.37
N ASP B 101 8.99 -30.59 -0.77
CA ASP B 101 9.53 -30.13 -2.04
C ASP B 101 9.38 -28.63 -2.17
N LEU B 102 10.34 -28.01 -2.86
CA LEU B 102 10.34 -26.57 -3.10
C LEU B 102 9.41 -26.23 -4.26
N GLY B 103 8.13 -26.40 -3.99
CA GLY B 103 7.08 -26.05 -4.93
C GLY B 103 6.80 -24.58 -4.85
N ARG B 104 6.32 -24.12 -3.69
CA ARG B 104 6.10 -22.70 -3.49
C ARG B 104 6.23 -22.31 -2.02
N LEU B 105 6.93 -21.22 -1.77
CA LEU B 105 6.92 -20.56 -0.47
C LEU B 105 5.92 -19.40 -0.57
N ASP B 106 4.83 -19.48 0.17
CA ASP B 106 3.77 -18.52 -0.11
C ASP B 106 3.42 -17.60 1.06
N ILE B 107 3.51 -18.05 2.30
CA ILE B 107 3.19 -17.19 3.45
C ILE B 107 4.47 -16.95 4.23
N TRP B 108 5.09 -15.79 4.04
CA TRP B 108 6.37 -15.50 4.67
C TRP B 108 6.17 -14.69 5.94
N GLY B 109 7.14 -14.83 6.86
CA GLY B 109 7.25 -13.95 7.99
C GLY B 109 7.95 -12.66 7.64
N GLN B 110 7.85 -11.68 8.56
CA GLN B 110 8.49 -10.39 8.33
C GLN B 110 10.01 -10.49 8.40
N GLY B 111 10.53 -11.39 9.25
CA GLY B 111 11.95 -11.60 9.33
C GLY B 111 12.57 -10.89 10.53
N THR B 112 13.68 -11.44 11.03
CA THR B 112 14.34 -10.85 12.18
C THR B 112 15.86 -10.90 12.00
N THR B 113 16.54 -9.86 12.50
CA THR B 113 17.98 -9.75 12.34
C THR B 113 18.69 -10.30 13.57
N VAL B 114 19.60 -11.24 13.32
CA VAL B 114 20.49 -11.76 14.35
C VAL B 114 21.88 -11.23 14.03
N THR B 115 22.53 -10.69 15.06
CA THR B 115 23.89 -10.18 14.92
C THR B 115 24.77 -11.03 15.79
N VAL B 116 25.74 -11.69 15.18
CA VAL B 116 26.73 -12.47 15.91
C VAL B 116 27.96 -11.59 16.01
N SER B 117 28.27 -11.16 17.23
CA SER B 117 29.35 -10.22 17.48
C SER B 117 29.68 -10.26 18.97
N SER B 118 30.95 -10.08 19.31
CA SER B 118 31.34 -10.01 20.71
C SER B 118 31.05 -8.65 21.31
N ALA B 119 30.58 -7.70 20.48
CA ALA B 119 30.31 -6.34 20.90
C ALA B 119 29.04 -6.26 21.75
N SER B 120 29.05 -5.29 22.66
CA SER B 120 27.97 -5.03 23.60
C SER B 120 26.91 -4.17 22.93
N THR B 121 25.65 -4.40 23.27
CA THR B 121 24.63 -3.57 22.63
C THR B 121 24.74 -2.16 23.21
N LYS B 122 24.33 -1.17 22.42
CA LYS B 122 24.35 0.20 22.92
C LYS B 122 23.18 0.96 22.32
N GLY B 123 22.35 1.53 23.19
CA GLY B 123 21.21 2.32 22.78
C GLY B 123 21.61 3.58 22.03
N PRO B 124 20.68 4.10 21.23
CA PRO B 124 20.98 5.28 20.42
C PRO B 124 20.76 6.59 21.17
N SER B 125 21.50 7.60 20.74
CA SER B 125 21.16 8.98 21.01
C SER B 125 20.41 9.52 19.80
N VAL B 126 19.43 10.40 20.06
CA VAL B 126 18.53 10.91 19.02
C VAL B 126 18.59 12.43 19.06
N PHE B 127 19.05 13.03 17.96
CA PHE B 127 19.20 14.46 17.82
C PHE B 127 18.28 15.00 16.72
N PRO B 128 17.68 16.16 16.94
CA PRO B 128 16.87 16.78 15.90
C PRO B 128 17.74 17.30 14.76
N LEU B 129 17.19 17.21 13.54
CA LEU B 129 17.75 17.81 12.32
C LEU B 129 16.83 18.98 11.98
N ALA B 130 17.28 20.22 12.32
CA ALA B 130 16.32 21.31 12.29
C ALA B 130 16.50 22.22 11.08
N PRO B 131 15.40 22.60 10.42
CA PRO B 131 15.49 23.49 9.26
C PRO B 131 15.79 24.93 9.67
N SER B 132 16.55 25.63 8.80
CA SER B 132 17.11 26.96 9.09
C SER B 132 16.87 28.00 7.98
N SER B 133 16.98 27.61 6.70
CA SER B 133 16.82 28.52 5.55
C SER B 133 17.61 29.83 5.70
N GLY B 138 10.70 28.23 -3.92
CA GLY B 138 10.95 27.19 -2.92
C GLY B 138 9.70 26.88 -2.11
N GLY B 139 9.82 26.91 -0.79
CA GLY B 139 8.67 26.72 0.06
C GLY B 139 8.50 25.32 0.62
N THR B 140 9.47 24.45 0.42
CA THR B 140 9.49 23.15 1.07
C THR B 140 10.68 23.09 2.02
N ALA B 141 10.47 22.51 3.20
CA ALA B 141 11.49 22.38 4.22
C ALA B 141 11.71 20.91 4.56
N ALA B 142 12.98 20.53 4.71
CA ALA B 142 13.36 19.23 5.23
C ALA B 142 13.60 19.32 6.74
N LEU B 143 13.42 18.18 7.41
CA LEU B 143 13.71 18.06 8.83
C LEU B 143 13.77 16.58 9.15
N GLY B 144 14.48 16.22 10.20
CA GLY B 144 14.69 14.82 10.45
C GLY B 144 15.23 14.50 11.82
N CYS B 145 15.81 13.31 11.91
CA CYS B 145 16.25 12.78 13.20
C CYS B 145 17.52 11.98 13.00
N LEU B 146 18.60 12.42 13.64
CA LEU B 146 19.86 11.71 13.59
C LEU B 146 19.90 10.73 14.75
N VAL B 147 20.18 9.48 14.43
CA VAL B 147 20.02 8.35 15.34
C VAL B 147 21.40 7.72 15.48
N LYS B 148 22.17 8.21 16.46
CA LYS B 148 23.61 8.04 16.47
C LYS B 148 24.09 7.05 17.51
N ASP B 149 25.05 6.21 17.08
CA ASP B 149 25.84 5.33 17.95
C ASP B 149 24.94 4.32 18.67
N TYR B 150 24.49 3.35 17.89
CA TYR B 150 23.76 2.22 18.47
C TYR B 150 24.38 0.92 17.99
N PHE B 151 24.07 -0.16 18.71
CA PHE B 151 24.51 -1.49 18.31
C PHE B 151 23.61 -2.54 18.94
N PRO B 152 23.23 -3.60 18.20
CA PRO B 152 23.43 -3.79 16.76
C PRO B 152 22.29 -3.18 15.97
N GLU B 153 22.25 -3.36 14.64
CA GLU B 153 21.02 -3.15 13.92
C GLU B 153 19.95 -4.09 14.49
N PRO B 154 18.67 -3.71 14.40
CA PRO B 154 18.14 -2.55 13.70
C PRO B 154 17.62 -1.45 14.62
N VAL B 155 17.37 -0.28 14.04
CA VAL B 155 16.57 0.78 14.64
C VAL B 155 15.32 0.93 13.79
N THR B 156 14.20 1.27 14.43
CA THR B 156 12.96 1.63 13.73
C THR B 156 12.61 3.08 14.02
N VAL B 157 12.14 3.80 13.00
CA VAL B 157 11.81 5.21 13.12
C VAL B 157 10.42 5.44 12.53
N SER B 158 9.53 6.00 13.33
CA SER B 158 8.21 6.42 12.92
C SER B 158 8.10 7.94 13.08
N TRP B 159 7.16 8.56 12.36
CA TRP B 159 6.96 10.01 12.45
C TRP B 159 5.55 10.31 12.95
N ASN B 160 5.46 11.09 14.03
CA ASN B 160 4.20 11.41 14.69
C ASN B 160 3.38 10.15 14.98
N SER B 161 4.04 9.11 15.48
CA SER B 161 3.38 7.84 15.81
C SER B 161 2.72 7.21 14.58
N GLY B 162 3.33 7.40 13.41
CA GLY B 162 2.91 6.72 12.22
C GLY B 162 1.95 7.48 11.34
N ALA B 163 1.34 8.56 11.84
CA ALA B 163 0.39 9.34 11.08
C ALA B 163 1.04 10.14 9.96
N LEU B 164 2.37 10.17 9.90
CA LEU B 164 3.12 10.88 8.87
C LEU B 164 4.01 9.86 8.18
N THR B 165 3.70 9.52 6.94
CA THR B 165 4.51 8.58 6.19
C THR B 165 4.90 9.17 4.84
N SER B 166 4.08 10.05 4.29
CA SER B 166 4.36 10.57 2.95
C SER B 166 5.60 11.44 2.98
N GLY B 167 6.51 11.19 2.05
CA GLY B 167 7.72 11.96 1.93
C GLY B 167 8.81 11.60 2.91
N VAL B 168 8.61 10.56 3.73
CA VAL B 168 9.60 10.11 4.71
C VAL B 168 10.70 9.34 3.99
N HIS B 169 11.95 9.58 4.38
CA HIS B 169 13.09 8.80 3.92
C HIS B 169 13.92 8.42 5.15
N THR B 170 13.94 7.14 5.48
CA THR B 170 14.83 6.60 6.50
C THR B 170 15.99 5.90 5.81
N PHE B 171 17.18 6.38 6.05
CA PHE B 171 18.34 5.89 5.32
C PHE B 171 18.83 4.56 5.90
N PRO B 172 19.54 3.77 5.11
CA PRO B 172 20.20 2.60 5.66
C PRO B 172 21.28 3.05 6.63
N ALA B 173 21.39 2.31 7.74
CA ALA B 173 22.41 2.57 8.73
C ALA B 173 23.79 2.50 8.10
N VAL B 174 24.71 3.33 8.59
CA VAL B 174 26.10 3.24 8.19
C VAL B 174 26.93 2.91 9.42
N LEU B 175 27.98 2.14 9.20
CA LEU B 175 28.87 1.70 10.27
C LEU B 175 30.03 2.67 10.34
N GLN B 176 30.23 3.25 11.52
CA GLN B 176 31.28 4.24 11.74
C GLN B 176 32.58 3.56 12.15
N SER B 177 33.68 4.29 11.99
CA SER B 177 34.97 3.79 12.46
C SER B 177 34.88 3.36 13.91
N SER B 178 34.04 4.04 14.70
CA SER B 178 33.88 3.70 16.11
C SER B 178 33.32 2.31 16.34
N GLY B 179 32.93 1.62 15.27
CA GLY B 179 32.23 0.35 15.39
C GLY B 179 30.77 0.47 15.80
N LEU B 180 30.14 1.61 15.54
CA LEU B 180 28.74 1.82 15.92
C LEU B 180 27.97 2.34 14.72
N TYR B 181 26.70 1.95 14.64
CA TYR B 181 25.79 2.38 13.58
C TYR B 181 25.14 3.72 13.93
N SER B 182 24.76 4.45 12.89
CA SER B 182 24.04 5.72 13.02
C SER B 182 23.29 5.99 11.73
N LEU B 183 22.06 6.48 11.82
CA LEU B 183 21.31 6.78 10.61
C LEU B 183 20.54 8.08 10.76
N SER B 184 20.04 8.55 9.63
CA SER B 184 19.15 9.68 9.52
C SER B 184 17.80 9.23 8.97
N SER B 185 16.77 9.97 9.36
CA SER B 185 15.40 9.74 8.91
C SER B 185 14.78 11.12 8.70
N VAL B 186 14.51 11.47 7.46
CA VAL B 186 14.07 12.82 7.14
C VAL B 186 12.65 12.80 6.60
N VAL B 187 12.03 13.98 6.58
CA VAL B 187 10.68 14.17 6.05
C VAL B 187 10.60 15.59 5.51
N THR B 188 9.88 15.78 4.40
CA THR B 188 9.71 17.10 3.81
C THR B 188 8.24 17.53 3.85
N VAL B 189 8.04 18.80 4.19
CA VAL B 189 6.72 19.35 4.49
C VAL B 189 6.71 20.78 3.96
N PRO B 190 5.55 21.42 3.84
CA PRO B 190 5.53 22.84 3.50
C PRO B 190 6.23 23.69 4.57
N SER B 191 7.02 24.67 4.12
CA SER B 191 7.74 25.54 5.05
C SER B 191 6.78 26.26 5.99
N SER B 192 5.51 26.46 5.55
CA SER B 192 4.52 27.16 6.34
C SER B 192 4.06 26.37 7.56
N SER B 193 4.31 25.06 7.60
CA SER B 193 3.82 24.20 8.68
C SER B 193 4.77 24.12 9.86
N LEU B 194 6.00 24.58 9.71
CA LEU B 194 6.85 24.78 10.89
C LEU B 194 6.26 25.93 11.70
N GLY B 195 5.81 25.63 12.92
CA GLY B 195 5.12 26.60 13.76
C GLY B 195 3.65 26.28 14.00
N THR B 196 2.99 25.53 13.11
CA THR B 196 1.63 25.08 13.37
C THR B 196 1.48 23.57 13.46
N GLN B 197 2.49 22.81 13.04
CA GLN B 197 2.46 21.35 13.06
C GLN B 197 3.68 20.86 13.83
N THR B 198 3.45 19.94 14.76
CA THR B 198 4.50 19.30 15.54
C THR B 198 5.01 18.07 14.81
N TYR B 199 6.34 17.93 14.70
CA TYR B 199 6.96 16.75 14.13
C TYR B 199 7.78 16.05 15.21
N ILE B 200 7.50 14.77 15.44
CA ILE B 200 8.17 13.99 16.48
C ILE B 200 8.64 12.67 15.89
N CYS B 201 9.93 12.33 16.11
CA CYS B 201 10.43 11.08 15.54
C CYS B 201 10.41 9.98 16.60
N ASN B 202 9.83 8.83 16.22
CA ASN B 202 9.57 7.74 17.15
C ASN B 202 10.64 6.67 16.91
N VAL B 203 11.74 6.77 17.68
CA VAL B 203 12.89 5.89 17.55
C VAL B 203 12.74 4.71 18.49
N ASN B 204 12.96 3.52 17.98
CA ASN B 204 12.95 2.29 18.76
C ASN B 204 14.25 1.54 18.50
N HIS B 205 14.78 0.93 19.55
CA HIS B 205 15.97 0.08 19.48
C HIS B 205 15.69 -1.02 20.50
N LYS B 206 15.13 -2.13 20.02
CA LYS B 206 14.65 -3.21 20.86
C LYS B 206 15.77 -4.01 21.53
N PRO B 207 16.95 -4.19 20.90
CA PRO B 207 18.07 -4.79 21.66
C PRO B 207 18.40 -4.06 22.95
N SER B 208 18.36 -2.73 22.93
CA SER B 208 18.74 -1.95 24.10
C SER B 208 17.55 -1.45 24.90
N ASN B 209 16.33 -1.83 24.53
CA ASN B 209 15.14 -1.40 25.26
C ASN B 209 15.15 0.12 25.31
N THR B 210 15.06 0.73 24.14
CA THR B 210 15.18 2.18 23.98
C THR B 210 14.03 2.67 23.10
N LYS B 211 13.22 3.54 23.67
CA LYS B 211 12.16 4.26 22.97
C LYS B 211 12.44 5.73 23.19
N VAL B 212 12.66 6.46 22.10
CA VAL B 212 12.93 7.89 22.15
C VAL B 212 11.92 8.60 21.27
N ASP B 213 11.23 9.57 21.84
CA ASP B 213 10.32 10.44 21.11
C ASP B 213 10.89 11.83 21.18
N LYS B 214 11.21 12.41 20.02
CA LYS B 214 12.07 13.58 19.97
C LYS B 214 11.40 14.66 19.12
N LYS B 215 10.79 15.64 19.77
CA LYS B 215 10.22 16.77 19.05
C LYS B 215 11.33 17.48 18.30
N VAL B 216 11.29 17.37 16.98
CA VAL B 216 12.19 18.11 16.09
C VAL B 216 11.61 19.52 15.91
N GLU B 217 12.25 20.50 16.55
CA GLU B 217 11.67 21.82 16.49
C GLU B 217 12.62 22.76 15.74
N PRO B 218 12.07 23.82 15.10
CA PRO B 218 12.93 24.77 14.37
C PRO B 218 13.50 25.81 15.34
N LYS B 219 14.82 26.01 15.28
CA LYS B 219 15.44 26.95 16.21
C LYS B 219 15.10 28.43 15.93
N PRO C 2 -18.26 30.60 -10.20
CA PRO C 2 -17.24 29.96 -11.02
C PRO C 2 -17.38 28.45 -11.02
N MET C 3 -18.38 27.88 -11.71
CA MET C 3 -18.36 26.45 -11.95
C MET C 3 -16.96 26.09 -12.42
N LEU C 4 -16.49 24.95 -11.97
CA LEU C 4 -15.30 24.34 -12.54
C LEU C 4 -15.77 23.20 -13.45
N THR C 5 -15.19 23.11 -14.64
CA THR C 5 -15.49 22.03 -15.58
C THR C 5 -14.19 21.32 -15.94
N GLN C 6 -14.22 20.00 -15.94
CA GLN C 6 -13.05 19.19 -16.24
C GLN C 6 -13.25 18.44 -17.56
N SER C 7 -12.17 17.81 -18.03
CA SER C 7 -12.26 16.99 -19.24
C SER C 7 -13.37 15.95 -19.07
N PRO C 8 -14.17 15.71 -20.10
CA PRO C 8 -15.20 14.66 -20.00
C PRO C 8 -14.60 13.34 -19.55
N SER C 9 -15.39 12.59 -18.76
CA SER C 9 -14.82 11.77 -17.70
C SER C 9 -13.87 10.68 -18.16
N PHE C 10 -14.00 10.18 -19.38
CA PHE C 10 -13.16 9.05 -19.80
C PHE C 10 -11.85 9.54 -20.46
N LEU C 11 -10.73 9.33 -19.77
CA LEU C 11 -9.40 9.68 -20.28
C LEU C 11 -8.46 8.50 -20.09
N SER C 12 -7.62 8.21 -21.09
CA SER C 12 -6.90 6.96 -20.99
C SER C 12 -5.55 7.05 -21.68
N ALA C 13 -4.68 6.11 -21.32
CA ALA C 13 -3.35 5.94 -21.87
C ALA C 13 -2.80 4.65 -21.29
N SER C 14 -1.71 4.16 -21.87
CA SER C 14 -1.09 2.96 -21.35
C SER C 14 0.19 3.26 -20.58
N VAL C 15 0.68 2.25 -19.87
CA VAL C 15 1.88 2.39 -19.06
C VAL C 15 2.96 3.07 -19.89
N GLY C 16 3.51 4.15 -19.34
CA GLY C 16 4.56 4.87 -20.03
C GLY C 16 4.09 6.06 -20.86
N ASP C 17 2.78 6.28 -20.97
CA ASP C 17 2.23 7.40 -21.74
C ASP C 17 1.91 8.61 -20.86
N ARG C 18 1.34 9.63 -21.49
CA ARG C 18 0.91 10.87 -20.85
C ARG C 18 -0.60 11.01 -21.00
N VAL C 19 -1.24 11.49 -19.96
CA VAL C 19 -2.63 11.88 -20.06
C VAL C 19 -2.69 13.35 -19.69
N THR C 20 -3.75 14.01 -20.11
CA THR C 20 -3.98 15.41 -19.78
C THR C 20 -5.40 15.54 -19.26
N ILE C 21 -5.54 16.23 -18.14
CA ILE C 21 -6.83 16.62 -17.58
C ILE C 21 -6.87 18.13 -17.52
N THR C 22 -8.00 18.71 -17.93
CA THR C 22 -8.12 20.16 -18.03
C THR C 22 -9.24 20.67 -17.13
N CYS C 23 -8.97 21.77 -16.42
CA CYS C 23 -9.91 22.35 -15.47
C CYS C 23 -10.09 23.83 -15.83
N GLN C 24 -11.33 24.24 -16.10
CA GLN C 24 -11.64 25.60 -16.52
C GLN C 24 -12.62 26.21 -15.52
N SER C 25 -12.34 27.44 -15.10
CA SER C 25 -13.14 28.13 -14.10
C SER C 25 -13.88 29.30 -14.74
N SER C 26 -15.18 29.43 -14.44
CA SER C 26 -15.93 30.59 -14.92
C SER C 26 -15.25 31.89 -14.49
N GLN C 27 -14.93 32.03 -13.20
CA GLN C 27 -14.18 33.20 -12.73
C GLN C 27 -12.73 32.81 -12.50
N SER C 28 -11.84 33.78 -12.63
CA SER C 28 -10.45 33.58 -12.21
C SER C 28 -10.38 33.25 -10.74
N VAL C 29 -9.65 32.18 -10.42
CA VAL C 29 -9.41 31.80 -9.04
C VAL C 29 -8.55 32.84 -8.33
N TYR C 30 -8.49 32.73 -7.00
CA TYR C 30 -7.79 33.72 -6.18
C TYR C 30 -6.32 33.77 -6.53
N ARG C 31 -5.83 34.97 -6.82
CA ARG C 31 -4.45 35.20 -7.24
C ARG C 31 -4.08 34.43 -8.51
N ASN C 32 -5.08 33.93 -9.24
CA ASN C 32 -4.95 33.17 -10.48
C ASN C 32 -4.28 31.80 -10.30
N LYS C 33 -4.07 31.33 -9.07
CA LYS C 33 -3.34 30.07 -8.84
C LYS C 33 -3.92 29.18 -7.74
N TYR C 34 -4.98 29.58 -7.04
CA TYR C 34 -5.48 28.78 -5.93
C TYR C 34 -6.39 27.69 -6.49
N LEU C 35 -5.74 26.71 -7.11
CA LEU C 35 -6.40 25.53 -7.64
C LEU C 35 -5.58 24.32 -7.27
N SER C 36 -6.21 23.36 -6.59
CA SER C 36 -5.52 22.16 -6.18
C SER C 36 -6.13 20.94 -6.88
N TRP C 37 -5.33 19.87 -6.98
CA TRP C 37 -5.69 18.62 -7.64
C TRP C 37 -5.70 17.46 -6.65
N TYR C 38 -6.70 16.57 -6.79
CA TYR C 38 -6.89 15.47 -5.84
C TYR C 38 -7.11 14.17 -6.59
N GLN C 39 -6.53 13.09 -6.09
CA GLN C 39 -6.71 11.76 -6.64
C GLN C 39 -7.55 10.92 -5.69
N GLN C 40 -8.61 10.30 -6.22
CA GLN C 40 -9.56 9.52 -5.42
C GLN C 40 -9.79 8.18 -6.10
N LYS C 41 -9.27 7.12 -5.49
CA LYS C 41 -9.51 5.75 -5.87
C LYS C 41 -10.81 5.27 -5.25
N PRO C 42 -11.40 4.19 -5.76
CA PRO C 42 -12.71 3.78 -5.25
C PRO C 42 -12.63 3.34 -3.80
N GLY C 43 -13.59 3.81 -3.01
CA GLY C 43 -13.65 3.46 -1.60
C GLY C 43 -12.71 4.22 -0.68
N LYS C 44 -11.78 5.01 -1.19
CA LYS C 44 -10.79 5.67 -0.34
C LYS C 44 -11.10 7.16 -0.18
N ALA C 45 -10.31 7.82 0.66
CA ALA C 45 -10.45 9.26 0.71
C ALA C 45 -9.69 9.90 -0.46
N PRO C 46 -10.14 11.06 -0.95
CA PRO C 46 -9.31 11.81 -1.90
C PRO C 46 -7.94 12.10 -1.31
N LYS C 47 -6.94 12.12 -2.18
CA LYS C 47 -5.56 12.38 -1.80
C LYS C 47 -5.07 13.65 -2.49
N LEU C 48 -4.50 14.56 -1.71
CA LEU C 48 -3.96 15.81 -2.24
C LEU C 48 -2.74 15.54 -3.11
N LEU C 49 -2.74 16.11 -4.33
CA LEU C 49 -1.59 15.97 -5.21
C LEU C 49 -0.82 17.25 -5.42
N ILE C 50 -1.50 18.32 -5.82
CA ILE C 50 -0.84 19.57 -6.19
C ILE C 50 -1.65 20.71 -5.58
N TYR C 51 -0.95 21.69 -5.03
CA TYR C 51 -1.63 22.92 -4.65
C TYR C 51 -1.00 24.09 -5.37
N TYR C 52 -1.65 25.24 -5.25
CA TYR C 52 -1.20 26.47 -5.93
C TYR C 52 -0.92 26.20 -7.40
N ALA C 53 -1.72 25.31 -8.00
CA ALA C 53 -1.69 24.94 -9.42
C ALA C 53 -0.49 24.09 -9.84
N SER C 54 0.70 24.31 -9.26
CA SER C 54 1.90 23.61 -9.74
C SER C 54 2.80 23.02 -8.67
N THR C 55 2.43 23.06 -7.39
CA THR C 55 3.34 22.67 -6.31
C THR C 55 2.99 21.27 -5.78
N LEU C 56 3.95 20.35 -5.84
CA LEU C 56 3.72 18.97 -5.44
C LEU C 56 3.56 18.82 -3.94
N ALA C 57 2.52 18.12 -3.51
CA ALA C 57 2.44 17.75 -2.10
C ALA C 57 3.51 16.72 -1.75
N SER C 58 3.94 16.75 -0.48
CA SER C 58 4.97 15.83 0.00
C SER C 58 4.59 14.38 -0.28
N GLY C 59 5.47 13.67 -1.04
CA GLY C 59 5.32 12.26 -1.34
C GLY C 59 4.77 11.96 -2.73
N VAL C 60 4.24 12.95 -3.44
CA VAL C 60 3.62 12.73 -4.74
C VAL C 60 4.72 12.50 -5.78
N PRO C 61 4.65 11.43 -6.59
CA PRO C 61 5.57 11.28 -7.71
C PRO C 61 5.67 12.52 -8.59
N SER C 62 6.89 12.80 -9.07
CA SER C 62 7.17 13.96 -9.91
C SER C 62 6.65 13.83 -11.33
N ARG C 63 6.09 12.68 -11.71
CA ARG C 63 5.40 12.56 -12.98
C ARG C 63 4.04 13.27 -12.99
N PHE C 64 3.64 13.86 -11.87
CA PHE C 64 2.45 14.70 -11.80
C PHE C 64 2.89 16.15 -11.97
N SER C 65 2.40 16.81 -13.01
CA SER C 65 2.80 18.18 -13.30
C SER C 65 1.55 19.04 -13.38
N GLY C 66 1.49 20.06 -12.52
CA GLY C 66 0.40 21.02 -12.56
C GLY C 66 0.80 22.25 -13.33
N SER C 67 -0.13 22.77 -14.12
CA SER C 67 0.14 24.00 -14.85
C SER C 67 -1.17 24.72 -15.08
N GLY C 68 -1.06 26.02 -15.38
CA GLY C 68 -2.19 26.85 -15.71
C GLY C 68 -2.25 28.10 -14.84
N SER C 69 -3.13 29.00 -15.24
CA SER C 69 -3.34 30.22 -14.46
C SER C 69 -4.72 30.77 -14.72
N GLY C 70 -5.17 31.60 -13.78
CA GLY C 70 -6.37 32.38 -13.98
C GLY C 70 -7.63 31.55 -14.09
N THR C 71 -8.05 31.22 -15.31
CA THR C 71 -9.22 30.39 -15.55
C THR C 71 -8.89 29.01 -16.07
N GLU C 72 -7.67 28.76 -16.54
CA GLU C 72 -7.34 27.54 -17.25
C GLU C 72 -6.19 26.80 -16.59
N PHE C 73 -6.41 25.51 -16.30
CA PHE C 73 -5.49 24.70 -15.54
C PHE C 73 -5.48 23.27 -16.07
N THR C 74 -4.35 22.59 -15.90
CA THR C 74 -4.17 21.31 -16.56
C THR C 74 -3.24 20.42 -15.75
N LEU C 75 -3.73 19.23 -15.42
CA LEU C 75 -2.91 18.20 -14.77
C LEU C 75 -2.41 17.24 -15.83
N THR C 76 -1.10 17.14 -15.96
CA THR C 76 -0.47 16.18 -16.86
C THR C 76 0.20 15.09 -16.05
N ILE C 77 -0.13 13.85 -16.38
CA ILE C 77 0.45 12.66 -15.77
C ILE C 77 1.29 11.97 -16.83
N SER C 78 2.60 11.92 -16.64
CA SER C 78 3.48 11.18 -17.53
C SER C 78 3.78 9.79 -16.96
N SER C 79 4.60 9.03 -17.68
CA SER C 79 5.00 7.66 -17.33
C SER C 79 3.89 6.94 -16.56
N LEU C 80 2.73 6.89 -17.19
CA LEU C 80 1.50 6.41 -16.54
C LEU C 80 1.62 4.97 -16.06
N GLN C 81 0.87 4.64 -15.00
CA GLN C 81 0.97 3.35 -14.31
C GLN C 81 -0.42 2.90 -13.88
N PRO C 82 -0.68 1.59 -13.75
CA PRO C 82 -1.94 1.19 -13.13
C PRO C 82 -2.17 1.68 -11.72
N GLU C 83 -1.13 2.09 -10.99
CA GLU C 83 -1.35 2.82 -9.74
C GLU C 83 -2.15 4.11 -9.94
N ASP C 84 -2.23 4.62 -11.16
CA ASP C 84 -2.82 5.93 -11.46
C ASP C 84 -4.28 5.87 -11.94
N PHE C 85 -4.92 4.69 -11.97
CA PHE C 85 -6.34 4.64 -12.31
C PHE C 85 -7.18 5.13 -11.16
N ALA C 86 -7.72 6.33 -11.33
CA ALA C 86 -8.60 6.92 -10.33
C ALA C 86 -9.35 8.06 -10.99
N THR C 87 -10.10 8.79 -10.19
CA THR C 87 -10.76 10.02 -10.59
C THR C 87 -9.99 11.19 -10.01
N TYR C 88 -9.69 12.18 -10.84
CA TYR C 88 -8.94 13.35 -10.43
C TYR C 88 -9.85 14.58 -10.38
N TYR C 89 -9.69 15.39 -9.33
CA TYR C 89 -10.55 16.55 -9.11
C TYR C 89 -9.70 17.81 -8.93
N CYS C 90 -10.19 18.90 -9.50
CA CYS C 90 -9.68 20.22 -9.21
C CYS C 90 -10.63 20.94 -8.26
N ALA C 91 -10.07 21.89 -7.51
CA ALA C 91 -10.79 22.64 -6.49
C ALA C 91 -10.28 24.07 -6.52
N GLY C 92 -11.20 25.03 -6.52
CA GLY C 92 -10.86 26.44 -6.67
C GLY C 92 -11.18 27.22 -5.42
N ASP C 93 -10.34 28.18 -5.10
CA ASP C 93 -10.63 29.22 -4.11
C ASP C 93 -10.90 30.52 -4.85
N TYR C 94 -11.82 31.32 -4.32
CA TYR C 94 -12.26 32.55 -4.94
C TYR C 94 -12.27 33.67 -3.90
N SER C 95 -12.29 34.91 -4.39
CA SER C 95 -12.25 36.04 -3.48
C SER C 95 -13.46 36.08 -2.56
N ASP C 96 -14.53 35.36 -2.87
CA ASP C 96 -15.60 35.09 -1.91
C ASP C 96 -15.67 33.58 -1.72
N ASP C 97 -15.52 33.12 -0.47
CA ASP C 97 -15.40 31.68 -0.22
C ASP C 97 -16.69 30.93 -0.53
N ILE C 98 -17.82 31.63 -0.66
CA ILE C 98 -19.09 30.97 -1.01
C ILE C 98 -19.05 30.34 -2.41
N GLU C 99 -18.12 30.76 -3.26
CA GLU C 99 -18.03 30.22 -4.62
C GLU C 99 -17.07 29.04 -4.73
N ASN C 100 -16.34 28.71 -3.68
CA ASN C 100 -15.39 27.60 -3.70
C ASN C 100 -16.10 26.27 -3.95
N ALA C 101 -15.49 25.39 -4.75
CA ALA C 101 -16.15 24.17 -5.17
C ALA C 101 -15.17 23.26 -5.88
N PHE C 102 -15.61 22.04 -6.14
CA PHE C 102 -14.82 21.07 -6.88
C PHE C 102 -15.23 21.05 -8.34
N GLY C 103 -14.28 20.69 -9.20
CA GLY C 103 -14.61 20.30 -10.55
C GLY C 103 -15.40 19.01 -10.59
N GLY C 104 -15.85 18.66 -11.80
CA GLY C 104 -16.70 17.49 -11.97
C GLY C 104 -15.97 16.18 -11.80
N GLY C 105 -14.68 16.15 -12.06
CA GLY C 105 -14.01 14.89 -11.91
C GLY C 105 -13.73 14.24 -13.24
N THR C 106 -12.57 13.59 -13.33
CA THR C 106 -12.16 12.91 -14.55
C THR C 106 -11.50 11.58 -14.20
N LYS C 107 -11.98 10.50 -14.83
CA LYS C 107 -11.43 9.18 -14.60
C LYS C 107 -10.32 8.89 -15.60
N VAL C 108 -9.20 8.47 -15.10
CA VAL C 108 -8.12 7.99 -15.94
C VAL C 108 -8.27 6.49 -16.09
N GLU C 109 -8.07 5.99 -17.31
CA GLU C 109 -8.20 4.58 -17.64
C GLU C 109 -6.82 4.09 -18.08
N ILE C 110 -6.27 3.11 -17.38
CA ILE C 110 -4.93 2.63 -17.71
C ILE C 110 -5.08 1.50 -18.72
N LYS C 111 -4.73 1.78 -19.98
CA LYS C 111 -4.77 0.75 -21.01
C LYS C 111 -3.67 -0.28 -20.76
N ARG C 112 -4.05 -1.55 -20.85
CA ARG C 112 -3.17 -2.70 -20.76
C ARG C 112 -3.55 -3.65 -21.90
N THR C 113 -2.80 -4.76 -22.03
CA THR C 113 -3.06 -5.77 -23.04
C THR C 113 -4.33 -6.56 -22.72
N VAL C 114 -5.04 -6.97 -23.79
CA VAL C 114 -6.27 -7.78 -23.71
C VAL C 114 -6.10 -8.95 -22.76
N ALA C 115 -7.13 -9.23 -21.98
CA ALA C 115 -7.14 -10.39 -21.10
C ALA C 115 -8.55 -10.94 -21.09
N ALA C 116 -8.71 -12.17 -21.56
CA ALA C 116 -10.01 -12.79 -21.59
C ALA C 116 -10.45 -13.21 -20.19
N PRO C 117 -11.75 -13.22 -19.92
CA PRO C 117 -12.22 -13.58 -18.58
C PRO C 117 -12.02 -15.05 -18.25
N SER C 118 -11.85 -15.32 -16.96
CA SER C 118 -11.92 -16.66 -16.42
C SER C 118 -13.28 -16.82 -15.77
N VAL C 119 -14.08 -17.73 -16.32
CA VAL C 119 -15.50 -17.79 -16.04
C VAL C 119 -15.77 -18.96 -15.11
N PHE C 120 -16.50 -18.68 -14.02
CA PHE C 120 -16.97 -19.68 -13.07
C PHE C 120 -18.46 -19.44 -12.83
N ILE C 121 -19.20 -20.53 -12.57
CA ILE C 121 -20.64 -20.44 -12.29
C ILE C 121 -20.94 -21.10 -10.96
N PHE C 122 -21.80 -20.46 -10.16
CA PHE C 122 -22.11 -20.92 -8.80
C PHE C 122 -23.60 -21.18 -8.69
N PRO C 123 -24.02 -22.41 -8.42
CA PRO C 123 -25.44 -22.66 -8.15
C PRO C 123 -25.83 -22.07 -6.81
N PRO C 124 -27.11 -21.97 -6.51
CA PRO C 124 -27.48 -21.48 -5.18
C PRO C 124 -26.94 -22.39 -4.10
N SER C 125 -26.68 -21.81 -2.93
CA SER C 125 -26.40 -22.59 -1.74
C SER C 125 -27.65 -23.33 -1.34
N ASP C 126 -27.48 -24.51 -0.74
CA ASP C 126 -28.64 -25.18 -0.17
C ASP C 126 -29.28 -24.34 0.91
N GLU C 127 -28.45 -23.54 1.61
CA GLU C 127 -28.95 -22.70 2.68
C GLU C 127 -29.87 -21.62 2.15
N GLN C 128 -29.50 -20.99 1.03
CA GLN C 128 -30.42 -20.04 0.43
C GLN C 128 -31.68 -20.74 -0.07
N LEU C 129 -31.51 -21.91 -0.70
CA LEU C 129 -32.66 -22.62 -1.30
C LEU C 129 -33.77 -22.85 -0.30
N LYS C 130 -33.40 -23.37 0.87
CA LYS C 130 -34.32 -23.57 1.98
C LYS C 130 -35.07 -22.30 2.42
N SER C 131 -34.64 -21.11 1.98
CA SER C 131 -35.34 -19.88 2.34
C SER C 131 -36.35 -19.45 1.29
N GLY C 132 -36.40 -20.15 0.17
CA GLY C 132 -37.42 -19.90 -0.83
C GLY C 132 -36.95 -19.13 -2.05
N THR C 133 -35.70 -18.71 -2.10
CA THR C 133 -35.17 -18.03 -3.26
C THR C 133 -33.90 -18.73 -3.73
N ALA C 134 -33.49 -18.42 -4.97
CA ALA C 134 -32.34 -19.06 -5.59
C ALA C 134 -31.55 -18.02 -6.35
N SER C 135 -30.28 -17.88 -6.01
CA SER C 135 -29.37 -17.00 -6.72
C SER C 135 -28.38 -17.88 -7.48
N VAL C 136 -28.13 -17.54 -8.72
CA VAL C 136 -27.17 -18.25 -9.55
C VAL C 136 -26.18 -17.19 -10.00
N VAL C 137 -24.90 -17.40 -9.72
CA VAL C 137 -23.92 -16.35 -9.89
C VAL C 137 -22.88 -16.78 -10.91
N CYS C 138 -22.72 -15.97 -11.94
CA CYS C 138 -21.68 -16.10 -12.94
C CYS C 138 -20.58 -15.08 -12.64
N LEU C 139 -19.32 -15.50 -12.77
CA LEU C 139 -18.18 -14.69 -12.38
C LEU C 139 -17.21 -14.64 -13.54
N LEU C 140 -16.94 -13.43 -14.02
CA LEU C 140 -15.93 -13.15 -15.04
C LEU C 140 -14.78 -12.41 -14.33
N ASN C 141 -13.59 -13.02 -14.34
CA ASN C 141 -12.52 -12.63 -13.44
C ASN C 141 -11.31 -12.13 -14.22
N ASN C 142 -10.88 -10.90 -13.90
CA ASN C 142 -9.60 -10.35 -14.34
C ASN C 142 -9.51 -10.26 -15.86
N PHE C 143 -10.30 -9.36 -16.43
CA PHE C 143 -10.38 -9.22 -17.87
C PHE C 143 -10.25 -7.76 -18.27
N TYR C 144 -9.68 -7.53 -19.44
CA TYR C 144 -9.55 -6.20 -19.98
C TYR C 144 -9.82 -6.31 -21.47
N PRO C 145 -10.62 -5.40 -22.04
CA PRO C 145 -11.25 -4.20 -21.42
C PRO C 145 -12.54 -4.51 -20.66
N ARG C 146 -13.22 -3.50 -20.11
CA ARG C 146 -14.41 -3.75 -19.30
C ARG C 146 -15.60 -4.25 -20.13
N GLU C 147 -15.59 -4.00 -21.43
CA GLU C 147 -16.73 -4.36 -22.29
C GLU C 147 -16.92 -5.87 -22.30
N ALA C 148 -18.00 -6.36 -21.69
CA ALA C 148 -18.23 -7.79 -21.60
C ALA C 148 -19.73 -8.08 -21.64
N LYS C 149 -20.09 -9.29 -22.05
CA LYS C 149 -21.49 -9.65 -22.25
C LYS C 149 -21.80 -10.97 -21.56
N VAL C 150 -22.91 -11.00 -20.85
CA VAL C 150 -23.32 -12.18 -20.09
C VAL C 150 -24.76 -12.51 -20.44
N GLN C 151 -25.01 -13.78 -20.79
CA GLN C 151 -26.31 -14.26 -21.26
C GLN C 151 -26.70 -15.49 -20.44
N TRP C 152 -27.72 -15.36 -19.60
CA TRP C 152 -28.24 -16.49 -18.84
C TRP C 152 -29.14 -17.34 -19.74
N LYS C 153 -28.92 -18.66 -19.70
CA LYS C 153 -29.77 -19.61 -20.42
C LYS C 153 -30.22 -20.66 -19.42
N VAL C 154 -31.53 -20.79 -19.26
CA VAL C 154 -32.12 -21.78 -18.37
C VAL C 154 -32.90 -22.76 -19.25
N ASP C 155 -32.59 -24.05 -19.10
CA ASP C 155 -33.09 -25.08 -20.03
C ASP C 155 -32.90 -24.65 -21.47
N ASN C 156 -31.77 -23.98 -21.73
CA ASN C 156 -31.30 -23.46 -23.01
C ASN C 156 -32.10 -22.25 -23.45
N ALA C 157 -33.02 -21.75 -22.63
CA ALA C 157 -33.87 -20.61 -23.00
C ALA C 157 -33.23 -19.33 -22.49
N LEU C 158 -32.79 -18.50 -23.43
CA LEU C 158 -32.27 -17.19 -23.12
C LEU C 158 -33.23 -16.46 -22.17
N GLN C 159 -32.66 -15.81 -21.16
CA GLN C 159 -33.41 -15.11 -20.12
C GLN C 159 -33.30 -13.60 -20.31
N SER C 160 -34.29 -12.87 -19.79
CA SER C 160 -34.30 -11.42 -19.87
C SER C 160 -34.92 -10.86 -18.60
N GLY C 161 -34.31 -9.79 -18.06
CA GLY C 161 -34.79 -9.08 -16.89
C GLY C 161 -34.81 -9.90 -15.62
N ASN C 162 -34.19 -11.07 -15.65
CA ASN C 162 -34.02 -11.99 -14.55
C ASN C 162 -32.71 -11.78 -13.81
N SER C 163 -31.85 -10.87 -14.28
CA SER C 163 -30.45 -10.87 -13.85
C SER C 163 -29.91 -9.45 -13.66
N GLN C 164 -28.92 -9.34 -12.79
CA GLN C 164 -28.25 -8.07 -12.55
C GLN C 164 -26.75 -8.29 -12.53
N GLU C 165 -26.02 -7.28 -13.02
CA GLU C 165 -24.57 -7.29 -13.19
C GLU C 165 -23.91 -6.34 -12.20
N SER C 166 -22.61 -6.57 -11.96
CA SER C 166 -21.82 -5.77 -11.05
C SER C 166 -20.36 -5.87 -11.48
N VAL C 167 -19.71 -4.74 -11.70
CA VAL C 167 -18.34 -4.73 -12.25
C VAL C 167 -17.45 -3.87 -11.35
N THR C 168 -16.24 -4.36 -11.07
CA THR C 168 -15.26 -3.65 -10.24
C THR C 168 -14.58 -2.54 -11.05
N GLU C 169 -13.96 -1.61 -10.33
CA GLU C 169 -13.17 -0.59 -10.99
C GLU C 169 -11.86 -1.21 -11.42
N GLN C 170 -11.04 -0.45 -12.15
CA GLN C 170 -9.80 -1.04 -12.65
C GLN C 170 -8.87 -1.35 -11.48
N ASP C 171 -8.39 -2.59 -11.44
CA ASP C 171 -7.52 -3.04 -10.37
C ASP C 171 -6.18 -2.32 -10.45
N SER C 172 -5.62 -1.98 -9.27
CA SER C 172 -4.48 -1.08 -9.22
C SER C 172 -3.16 -1.72 -9.64
N LYS C 173 -3.00 -3.03 -9.46
CA LYS C 173 -1.74 -3.65 -9.85
C LYS C 173 -1.73 -4.18 -11.28
N ASP C 174 -2.85 -4.76 -11.75
CA ASP C 174 -2.89 -5.40 -13.07
C ASP C 174 -3.90 -4.76 -14.02
N SER C 175 -4.52 -3.62 -13.66
CA SER C 175 -5.43 -2.85 -14.52
C SER C 175 -6.58 -3.67 -15.10
N THR C 176 -7.08 -4.69 -14.39
CA THR C 176 -8.16 -5.49 -14.95
C THR C 176 -9.48 -5.21 -14.26
N TYR C 177 -10.52 -5.80 -14.81
CA TYR C 177 -11.86 -5.72 -14.25
C TYR C 177 -12.32 -7.13 -13.91
N SER C 178 -13.28 -7.21 -13.00
CA SER C 178 -14.01 -8.42 -12.75
C SER C 178 -15.50 -8.12 -12.78
N LEU C 179 -16.30 -9.14 -13.07
CA LEU C 179 -17.74 -8.96 -13.24
C LEU C 179 -18.51 -10.13 -12.65
N SER C 180 -19.62 -9.83 -11.98
CA SER C 180 -20.46 -10.86 -11.37
C SER C 180 -21.91 -10.65 -11.79
N SER C 181 -22.42 -11.54 -12.63
CA SER C 181 -23.84 -11.58 -12.95
C SER C 181 -24.56 -12.53 -12.01
N THR C 182 -25.68 -12.06 -11.46
CA THR C 182 -26.53 -12.83 -10.57
C THR C 182 -27.87 -13.01 -11.24
N LEU C 183 -28.30 -14.25 -11.44
CA LEU C 183 -29.66 -14.57 -11.86
C LEU C 183 -30.45 -14.96 -10.63
N THR C 184 -31.66 -14.40 -10.49
CA THR C 184 -32.50 -14.67 -9.33
C THR C 184 -33.80 -15.34 -9.77
N LEU C 185 -34.17 -16.44 -9.11
CA LEU C 185 -35.48 -17.05 -9.27
C LEU C 185 -36.02 -17.44 -7.91
N SER C 186 -37.33 -17.66 -7.88
CA SER C 186 -37.94 -18.29 -6.73
C SER C 186 -37.50 -19.74 -6.64
N LYS C 187 -37.47 -20.27 -5.41
CA LYS C 187 -37.20 -21.68 -5.22
C LYS C 187 -38.01 -22.55 -6.18
N ALA C 188 -39.30 -22.26 -6.31
CA ALA C 188 -40.19 -23.11 -7.11
C ALA C 188 -39.84 -23.05 -8.59
N ASP C 189 -39.65 -21.84 -9.14
CA ASP C 189 -39.24 -21.76 -10.54
C ASP C 189 -37.88 -22.44 -10.76
N TYR C 190 -36.98 -22.39 -9.76
CA TYR C 190 -35.64 -22.95 -9.90
C TYR C 190 -35.68 -24.48 -10.04
N GLU C 191 -36.54 -25.15 -9.27
CA GLU C 191 -36.61 -26.60 -9.28
C GLU C 191 -37.38 -27.18 -10.47
N LYS C 192 -37.92 -26.34 -11.35
CA LYS C 192 -38.58 -26.82 -12.56
C LYS C 192 -37.67 -26.69 -13.78
N HIS C 193 -36.37 -26.59 -13.57
CA HIS C 193 -35.42 -26.53 -14.69
C HIS C 193 -34.19 -27.34 -14.34
N LYS C 194 -33.36 -27.59 -15.35
CA LYS C 194 -32.22 -28.49 -15.18
C LYS C 194 -30.91 -27.86 -15.58
N VAL C 195 -30.85 -27.21 -16.73
CA VAL C 195 -29.61 -26.59 -17.20
C VAL C 195 -29.57 -25.13 -16.78
N TYR C 196 -28.46 -24.73 -16.17
CA TYR C 196 -28.21 -23.33 -15.84
C TYR C 196 -26.85 -22.94 -16.43
N ALA C 197 -26.83 -21.89 -17.24
CA ALA C 197 -25.68 -21.62 -18.07
C ALA C 197 -25.54 -20.12 -18.24
N CYS C 198 -24.32 -19.61 -18.09
CA CYS C 198 -24.04 -18.24 -18.50
C CYS C 198 -23.08 -18.29 -19.67
N GLU C 199 -23.28 -17.37 -20.60
CA GLU C 199 -22.52 -17.31 -21.84
C GLU C 199 -21.77 -16.00 -21.88
N VAL C 200 -20.45 -16.09 -21.93
CA VAL C 200 -19.58 -14.94 -21.85
C VAL C 200 -18.94 -14.76 -23.22
N THR C 201 -19.13 -13.59 -23.81
CA THR C 201 -18.44 -13.21 -25.03
C THR C 201 -17.65 -11.94 -24.75
N HIS C 202 -16.45 -11.86 -25.32
CA HIS C 202 -15.46 -10.86 -24.94
C HIS C 202 -14.32 -10.93 -25.94
N GLN C 203 -13.74 -9.77 -26.27
CA GLN C 203 -12.73 -9.70 -27.33
C GLN C 203 -11.51 -10.56 -27.03
N GLY C 204 -11.30 -10.95 -25.78
CA GLY C 204 -10.23 -11.90 -25.50
C GLY C 204 -10.52 -13.34 -25.85
N LEU C 205 -11.74 -13.68 -26.25
CA LEU C 205 -12.10 -15.07 -26.50
C LEU C 205 -12.37 -15.29 -27.98
N SER C 206 -11.77 -16.35 -28.53
CA SER C 206 -11.94 -16.64 -29.96
C SER C 206 -13.42 -16.89 -30.30
N SER C 207 -14.21 -17.31 -29.33
CA SER C 207 -15.64 -17.52 -29.50
C SER C 207 -16.27 -17.52 -28.12
N PRO C 208 -17.60 -17.35 -28.04
CA PRO C 208 -18.23 -17.31 -26.71
C PRO C 208 -17.91 -18.53 -25.86
N VAL C 209 -17.75 -18.30 -24.55
CA VAL C 209 -17.51 -19.34 -23.58
C VAL C 209 -18.81 -19.59 -22.84
N THR C 210 -19.04 -20.84 -22.43
CA THR C 210 -20.21 -21.19 -21.64
C THR C 210 -19.78 -22.05 -20.46
N LYS C 211 -20.40 -21.83 -19.32
CA LYS C 211 -20.13 -22.58 -18.11
C LYS C 211 -21.47 -23.04 -17.57
N SER C 212 -21.57 -24.30 -17.20
CA SER C 212 -22.88 -24.91 -17.06
C SER C 212 -22.95 -25.74 -15.79
N PHE C 213 -24.17 -26.04 -15.38
CA PHE C 213 -24.40 -27.11 -14.41
C PHE C 213 -25.83 -27.59 -14.55
N ASN C 214 -26.03 -28.89 -14.36
CA ASN C 214 -27.34 -29.47 -14.13
C ASN C 214 -27.58 -29.51 -12.63
N ARG C 215 -28.85 -29.62 -12.25
CA ARG C 215 -29.21 -29.31 -10.86
C ARG C 215 -28.78 -30.42 -9.89
N GLY C 216 -29.13 -31.67 -10.17
CA GLY C 216 -28.76 -32.74 -9.26
C GLY C 216 -27.52 -33.52 -9.67
N GLN D 1 -1.12 13.71 13.03
CA GLN D 1 -2.17 14.57 12.54
C GLN D 1 -3.11 13.72 11.74
N SER D 2 -4.30 13.54 12.29
CA SER D 2 -5.30 12.71 11.62
C SER D 2 -6.67 13.19 12.05
N VAL D 3 -7.65 13.00 11.18
CA VAL D 3 -9.03 13.31 11.51
C VAL D 3 -9.86 12.05 11.31
N LYS D 4 -11.08 12.07 11.86
CA LYS D 4 -11.91 10.90 12.00
C LYS D 4 -13.36 11.32 12.18
N GLU D 5 -14.29 10.56 11.59
CA GLU D 5 -15.66 11.00 11.49
C GLU D 5 -16.59 9.96 12.06
N SER D 6 -17.64 10.42 12.74
CA SER D 6 -18.56 9.54 13.42
C SER D 6 -19.35 8.71 12.41
N GLY D 7 -20.10 7.74 12.93
CA GLY D 7 -20.87 6.85 12.06
C GLY D 7 -22.01 7.60 11.40
N GLY D 8 -22.19 7.32 10.12
CA GLY D 8 -23.37 7.83 9.45
C GLY D 8 -24.53 6.88 9.66
N GLY D 9 -24.92 6.18 8.61
CA GLY D 9 -26.02 5.26 8.69
C GLY D 9 -27.29 5.81 8.07
N LEU D 10 -28.41 5.27 8.53
CA LEU D 10 -29.71 5.50 7.90
C LEU D 10 -30.52 6.51 8.71
N PHE D 11 -31.16 7.44 8.00
CA PHE D 11 -31.93 8.51 8.62
C PHE D 11 -33.27 8.65 7.91
N GLN D 12 -34.34 8.80 8.69
CA GLN D 12 -35.64 9.10 8.13
C GLN D 12 -35.73 10.60 7.79
N PRO D 13 -36.66 10.99 6.92
CA PRO D 13 -36.71 12.40 6.49
C PRO D 13 -37.15 13.39 7.57
N GLY D 14 -37.54 12.93 8.76
CA GLY D 14 -37.78 13.81 9.88
C GLY D 14 -36.53 13.99 10.74
N GLY D 15 -35.58 13.07 10.64
CA GLY D 15 -34.42 13.09 11.53
C GLY D 15 -33.47 14.24 11.26
N SER D 16 -32.71 14.61 12.29
CA SER D 16 -31.64 15.59 12.16
C SER D 16 -30.31 14.85 12.09
N LEU D 17 -29.53 15.16 11.06
CA LEU D 17 -28.22 14.55 10.87
C LEU D 17 -27.15 15.36 11.62
N ARG D 18 -26.30 14.66 12.36
CA ARG D 18 -25.21 15.32 13.08
C ARG D 18 -23.97 14.45 12.95
N LEU D 19 -22.92 14.98 12.32
CA LEU D 19 -21.66 14.27 12.15
C LEU D 19 -20.54 15.06 12.81
N SER D 20 -19.76 14.42 13.67
CA SER D 20 -18.66 15.10 14.32
C SER D 20 -17.34 14.57 13.77
N CYS D 21 -16.37 15.47 13.67
CA CYS D 21 -15.07 15.23 13.05
C CYS D 21 -14.01 15.38 14.14
N SER D 22 -13.44 14.26 14.58
CA SER D 22 -12.51 14.24 15.69
C SER D 22 -11.09 14.34 15.16
N VAL D 23 -10.37 15.38 15.55
CA VAL D 23 -9.00 15.61 15.10
C VAL D 23 -8.02 15.18 16.18
N SER D 24 -6.74 15.19 15.84
CA SER D 24 -5.67 14.64 16.65
C SER D 24 -4.34 15.00 16.02
N GLY D 25 -3.36 15.32 16.86
CA GLY D 25 -2.04 15.64 16.36
C GLY D 25 -1.92 17.01 15.76
N PHE D 26 -2.93 17.86 15.90
CA PHE D 26 -2.87 19.23 15.41
C PHE D 26 -3.99 20.02 16.06
N SER D 27 -3.82 21.34 16.11
CA SER D 27 -4.74 22.22 16.81
C SER D 27 -5.77 22.85 15.87
N LEU D 28 -7.03 22.89 16.31
CA LEU D 28 -8.06 23.54 15.49
C LEU D 28 -7.81 25.03 15.34
N SER D 29 -7.06 25.62 16.28
CA SER D 29 -6.76 27.03 16.23
C SER D 29 -5.75 27.38 15.16
N SER D 30 -5.14 26.38 14.54
CA SER D 30 -4.16 26.60 13.49
C SER D 30 -4.67 26.25 12.10
N TYR D 31 -5.84 25.60 12.00
CA TYR D 31 -6.31 25.03 10.74
C TYR D 31 -7.82 25.19 10.60
N ALA D 32 -8.26 25.33 9.35
CA ALA D 32 -9.68 25.24 9.04
C ALA D 32 -10.09 23.79 8.89
N ILE D 33 -11.34 23.51 9.17
CA ILE D 33 -11.89 22.18 8.95
C ILE D 33 -13.00 22.31 7.91
N SER D 34 -12.84 21.59 6.80
CA SER D 34 -13.77 21.60 5.67
C SER D 34 -14.63 20.34 5.65
N TRP D 35 -15.83 20.46 5.07
CA TRP D 35 -16.75 19.33 4.91
C TRP D 35 -17.02 19.13 3.43
N VAL D 36 -16.92 17.88 2.98
CA VAL D 36 -17.13 17.50 1.60
C VAL D 36 -18.00 16.26 1.59
N ARG D 37 -18.94 16.18 0.64
CA ARG D 37 -19.75 14.99 0.48
C ARG D 37 -19.73 14.51 -0.96
N GLN D 38 -20.05 13.23 -1.13
CA GLN D 38 -20.03 12.59 -2.44
C GLN D 38 -21.25 11.67 -2.56
N ALA D 39 -22.23 12.09 -3.35
CA ALA D 39 -23.37 11.22 -3.61
C ALA D 39 -22.91 9.97 -4.37
N PRO D 40 -23.62 8.85 -4.21
CA PRO D 40 -23.24 7.62 -4.93
C PRO D 40 -23.12 7.85 -6.42
N GLY D 41 -21.90 7.69 -6.92
CA GLY D 41 -21.57 7.88 -8.32
C GLY D 41 -21.20 9.28 -8.71
N LYS D 42 -21.57 10.28 -7.92
CA LYS D 42 -21.37 11.66 -8.34
C LYS D 42 -20.02 12.17 -7.81
N GLY D 43 -19.73 13.45 -8.05
CA GLY D 43 -18.42 14.01 -7.73
C GLY D 43 -18.34 14.57 -6.33
N LEU D 44 -17.16 15.08 -6.00
CA LEU D 44 -16.96 15.74 -4.71
C LEU D 44 -17.73 17.06 -4.66
N GLU D 45 -18.54 17.25 -3.63
CA GLU D 45 -19.30 18.49 -3.46
C GLU D 45 -18.86 19.20 -2.19
N TYR D 46 -18.39 20.44 -2.33
CA TYR D 46 -17.83 21.22 -1.23
C TYR D 46 -18.94 21.92 -0.45
N ILE D 47 -19.11 21.54 0.82
CA ILE D 47 -20.16 22.05 1.70
C ILE D 47 -19.76 23.37 2.37
N GLY D 48 -18.54 23.47 2.89
CA GLY D 48 -18.16 24.62 3.68
C GLY D 48 -17.06 24.25 4.67
N TYR D 49 -16.89 25.12 5.67
CA TYR D 49 -15.72 25.01 6.52
C TYR D 49 -15.89 25.88 7.75
N ILE D 50 -15.22 25.46 8.84
CA ILE D 50 -15.09 26.24 10.07
C ILE D 50 -13.64 26.70 10.17
N SER D 51 -13.46 28.01 10.34
CA SER D 51 -12.14 28.63 10.26
C SER D 51 -11.33 28.39 11.53
N SER D 52 -10.03 28.65 11.42
CA SER D 52 -9.13 28.56 12.58
C SER D 52 -9.63 29.36 13.78
N ILE D 53 -10.43 30.40 13.57
CA ILE D 53 -10.92 31.16 14.73
C ILE D 53 -12.32 30.74 15.15
N GLY D 54 -12.95 29.79 14.46
CA GLY D 54 -14.24 29.26 14.86
C GLY D 54 -15.44 29.83 14.12
N ASP D 55 -15.25 30.51 13.00
CA ASP D 55 -16.38 31.05 12.26
C ASP D 55 -16.72 30.15 11.08
N PRO D 56 -17.96 29.68 10.99
CA PRO D 56 -18.35 28.81 9.87
C PRO D 56 -18.79 29.61 8.66
N TYR D 57 -18.54 29.04 7.47
CA TYR D 57 -18.92 29.64 6.21
C TYR D 57 -19.30 28.53 5.25
N TYR D 58 -20.29 28.80 4.37
CA TYR D 58 -21.01 27.77 3.62
C TYR D 58 -21.11 28.07 2.13
N ALA D 59 -20.99 27.04 1.31
CA ALA D 59 -21.05 27.21 -0.13
C ALA D 59 -22.42 27.67 -0.61
N ASP D 60 -22.44 28.24 -1.81
CA ASP D 60 -23.69 28.66 -2.41
C ASP D 60 -24.56 27.48 -2.85
N TRP D 61 -25.48 27.07 -1.97
CA TRP D 61 -26.61 26.16 -2.24
C TRP D 61 -27.18 25.57 -0.93
N GLY D 64 -29.38 27.80 4.99
CA GLY D 64 -29.74 27.55 6.37
C GLY D 64 -29.85 26.10 6.84
N ARG D 65 -29.78 25.13 5.92
CA ARG D 65 -29.95 23.72 6.31
C ARG D 65 -28.70 23.17 6.98
N PHE D 66 -27.53 23.47 6.42
CA PHE D 66 -26.24 23.13 7.02
C PHE D 66 -25.92 24.02 8.23
N THR D 67 -25.28 23.44 9.24
CA THR D 67 -24.70 24.23 10.33
C THR D 67 -23.42 23.56 10.80
N ILE D 68 -22.35 24.32 10.90
CA ILE D 68 -21.02 23.79 11.22
C ILE D 68 -20.55 24.44 12.51
N SER D 69 -20.28 23.63 13.53
CA SER D 69 -19.78 24.10 14.82
C SER D 69 -18.48 23.39 15.16
N ARG D 70 -17.82 23.88 16.20
CA ARG D 70 -16.58 23.25 16.66
C ARG D 70 -16.43 23.36 18.16
N ASP D 71 -15.46 22.62 18.68
CA ASP D 71 -15.03 22.80 20.05
C ASP D 71 -13.51 22.59 20.06
N SER D 72 -12.96 22.21 21.21
CA SER D 72 -11.51 22.22 21.34
C SER D 72 -10.87 21.17 20.45
N SER D 73 -11.55 20.03 20.26
CA SER D 73 -10.97 18.89 19.57
C SER D 73 -11.84 18.32 18.46
N THR D 74 -13.09 18.77 18.31
CA THR D 74 -13.97 18.23 17.29
C THR D 74 -14.66 19.33 16.52
N VAL D 75 -15.17 18.97 15.34
CA VAL D 75 -15.97 19.86 14.51
C VAL D 75 -17.26 19.13 14.18
N TYR D 76 -18.38 19.85 14.16
CA TYR D 76 -19.66 19.23 13.86
C TYR D 76 -20.25 19.80 12.59
N LEU D 77 -21.02 18.96 11.90
CA LEU D 77 -21.86 19.39 10.81
C LEU D 77 -23.25 18.87 11.10
N GLN D 78 -24.20 19.78 11.25
CA GLN D 78 -25.60 19.48 11.48
C GLN D 78 -26.42 19.75 10.22
N MET D 79 -27.49 18.99 10.06
CA MET D 79 -28.31 19.03 8.85
C MET D 79 -29.77 18.82 9.21
N THR D 80 -30.59 19.77 8.84
CA THR D 80 -32.03 19.58 8.98
C THR D 80 -32.62 19.38 7.59
N SER D 81 -33.96 19.34 7.56
CA SER D 81 -34.73 19.18 6.32
C SER D 81 -34.05 18.18 5.41
N LEU D 82 -33.82 16.97 5.92
CA LEU D 82 -33.13 15.97 5.13
C LEU D 82 -34.01 15.52 3.97
N ARG D 83 -33.36 15.21 2.85
CA ARG D 83 -33.99 14.73 1.63
C ARG D 83 -33.12 13.63 1.05
N ALA D 84 -33.70 12.89 0.10
CA ALA D 84 -32.97 11.79 -0.53
C ALA D 84 -31.70 12.27 -1.19
N GLU D 85 -31.68 13.50 -1.69
CA GLU D 85 -30.49 14.00 -2.35
C GLU D 85 -29.37 14.35 -1.38
N ASP D 86 -29.60 14.21 -0.06
CA ASP D 86 -28.53 14.31 0.92
C ASP D 86 -27.82 12.97 1.15
N THR D 87 -28.26 11.89 0.52
CA THR D 87 -27.58 10.61 0.66
C THR D 87 -26.22 10.68 0.01
N ALA D 88 -25.17 10.41 0.79
CA ALA D 88 -23.79 10.60 0.33
C ALA D 88 -22.82 10.01 1.35
N VAL D 89 -21.55 10.03 0.97
CA VAL D 89 -20.44 9.84 1.90
C VAL D 89 -19.93 11.22 2.30
N TYR D 90 -19.88 11.50 3.60
CA TYR D 90 -19.47 12.81 4.09
C TYR D 90 -18.05 12.72 4.60
N PHE D 91 -17.17 13.57 4.06
CA PHE D 91 -15.79 13.65 4.47
C PHE D 91 -15.56 14.95 5.22
N CYS D 92 -14.79 14.90 6.31
CA CYS D 92 -14.17 16.09 6.85
C CYS D 92 -12.70 16.07 6.49
N ALA D 93 -12.17 17.22 6.09
CA ALA D 93 -10.77 17.37 5.76
C ALA D 93 -10.20 18.58 6.48
N ARG D 94 -8.87 18.65 6.57
CA ARG D 94 -8.17 19.80 7.11
C ARG D 94 -7.77 20.72 5.96
N SER D 95 -8.05 22.03 6.10
CA SER D 95 -7.86 23.03 5.05
C SER D 95 -6.80 24.04 5.49
N TYR D 96 -5.84 24.39 4.57
CA TYR D 96 -4.61 24.93 5.12
C TYR D 96 -4.76 26.37 5.57
N PRO D 97 -4.96 27.36 4.70
CA PRO D 97 -5.07 28.72 5.23
C PRO D 97 -6.09 28.66 6.35
N GLY D 98 -5.69 29.08 7.56
CA GLY D 98 -6.62 29.08 8.68
C GLY D 98 -7.80 30.00 8.43
N ASN D 99 -7.62 31.00 7.57
CA ASN D 99 -8.72 31.86 7.17
C ASN D 99 -9.75 31.13 6.31
N GLY D 100 -9.42 29.93 5.85
CA GLY D 100 -10.35 29.09 5.11
C GLY D 100 -10.36 29.24 3.60
N ASP D 101 -9.36 29.90 3.01
CA ASP D 101 -9.22 29.85 1.56
C ASP D 101 -8.93 28.40 1.17
N LEU D 102 -9.57 27.93 0.10
CA LEU D 102 -9.36 26.55 -0.35
C LEU D 102 -7.97 26.45 -0.98
N GLY D 103 -6.95 26.38 -0.12
CA GLY D 103 -5.57 26.25 -0.54
C GLY D 103 -5.13 24.81 -0.61
N ARG D 104 -5.33 24.07 0.47
CA ARG D 104 -4.98 22.66 0.54
C ARG D 104 -5.99 21.99 1.44
N LEU D 105 -6.48 20.85 1.01
CA LEU D 105 -7.27 19.96 1.84
C LEU D 105 -6.39 18.71 1.99
N ASP D 106 -5.59 18.67 3.07
CA ASP D 106 -4.51 17.68 3.11
C ASP D 106 -4.82 16.42 3.91
N ILE D 107 -5.40 16.53 5.10
CA ILE D 107 -5.69 15.36 5.93
C ILE D 107 -7.19 15.09 5.86
N TRP D 108 -7.54 13.89 5.38
CA TRP D 108 -8.91 13.52 5.08
C TRP D 108 -9.30 12.31 5.90
N GLY D 109 -10.50 12.36 6.47
CA GLY D 109 -11.08 11.19 7.09
C GLY D 109 -11.54 10.16 6.07
N GLN D 110 -12.04 9.05 6.59
CA GLN D 110 -12.36 7.89 5.77
C GLN D 110 -13.70 8.03 5.05
N GLY D 111 -14.49 9.04 5.39
CA GLY D 111 -15.82 9.16 4.82
C GLY D 111 -16.81 8.30 5.57
N THR D 112 -18.02 8.82 5.74
CA THR D 112 -19.13 8.08 6.33
C THR D 112 -20.34 8.20 5.41
N THR D 113 -20.92 7.07 5.04
CA THR D 113 -22.08 7.05 4.16
C THR D 113 -23.34 7.26 5.00
N VAL D 114 -24.07 8.30 4.69
CA VAL D 114 -25.40 8.47 5.25
C VAL D 114 -26.41 8.15 4.17
N THR D 115 -27.53 7.57 4.57
CA THR D 115 -28.63 7.26 3.68
C THR D 115 -29.89 7.87 4.26
N VAL D 116 -30.61 8.63 3.45
CA VAL D 116 -31.85 9.23 3.88
C VAL D 116 -32.98 8.49 3.18
N SER D 117 -33.77 7.78 3.97
CA SER D 117 -34.88 6.99 3.47
C SER D 117 -35.79 6.62 4.63
N SER D 118 -37.05 6.39 4.28
CA SER D 118 -38.02 5.86 5.23
C SER D 118 -37.99 4.33 5.33
N ALA D 119 -37.12 3.65 4.57
CA ALA D 119 -37.05 2.21 4.63
C ALA D 119 -36.42 1.73 5.94
N SER D 120 -36.80 0.53 6.37
CA SER D 120 -36.21 -0.09 7.54
C SER D 120 -34.81 -0.61 7.26
N THR D 121 -33.96 -0.56 8.30
CA THR D 121 -32.72 -1.31 8.31
C THR D 121 -33.01 -2.81 8.21
N LYS D 122 -32.05 -3.55 7.66
CA LYS D 122 -32.18 -5.00 7.60
C LYS D 122 -30.79 -5.60 7.42
N GLY D 123 -30.45 -6.56 8.27
CA GLY D 123 -29.18 -7.24 8.18
C GLY D 123 -29.14 -8.22 7.03
N PRO D 124 -27.93 -8.48 6.53
CA PRO D 124 -27.78 -9.35 5.37
C PRO D 124 -27.77 -10.82 5.74
N SER D 125 -28.31 -11.63 4.83
CA SER D 125 -28.04 -13.06 4.81
C SER D 125 -26.77 -13.24 4.01
N VAL D 126 -25.91 -14.15 4.46
CA VAL D 126 -24.64 -14.43 3.81
C VAL D 126 -24.67 -15.89 3.36
N PHE D 127 -24.38 -16.13 2.10
CA PHE D 127 -24.42 -17.48 1.59
C PHE D 127 -23.09 -17.86 0.97
N PRO D 128 -22.73 -19.14 0.97
CA PRO D 128 -21.46 -19.54 0.35
C PRO D 128 -21.59 -19.68 -1.16
N LEU D 129 -20.65 -19.08 -1.87
CA LEU D 129 -20.38 -19.40 -3.27
C LEU D 129 -19.31 -20.49 -3.26
N ALA D 130 -19.75 -21.74 -3.18
CA ALA D 130 -18.82 -22.84 -2.98
C ALA D 130 -18.07 -23.17 -4.26
N PRO D 131 -16.77 -23.43 -4.17
CA PRO D 131 -16.03 -23.92 -5.34
C PRO D 131 -16.60 -25.24 -5.83
N SER D 132 -16.45 -25.48 -7.13
CA SER D 132 -17.06 -26.63 -7.81
C SER D 132 -16.02 -27.65 -8.24
N SER D 133 -16.50 -28.83 -8.64
CA SER D 133 -15.61 -29.90 -9.11
C SER D 133 -15.74 -30.16 -10.61
N GLY D 138 -9.85 -26.61 -13.29
CA GLY D 138 -8.52 -26.35 -13.83
C GLY D 138 -7.37 -26.31 -12.83
N GLY D 139 -6.54 -25.26 -12.88
CA GLY D 139 -5.50 -25.06 -11.89
C GLY D 139 -5.99 -24.26 -10.68
N THR D 140 -6.80 -23.24 -10.95
CA THR D 140 -7.36 -22.34 -9.94
C THR D 140 -8.78 -22.73 -9.56
N ALA D 141 -9.13 -22.51 -8.29
CA ALA D 141 -10.51 -22.57 -7.85
C ALA D 141 -10.99 -21.18 -7.43
N ALA D 142 -12.28 -20.91 -7.64
CA ALA D 142 -12.90 -19.65 -7.26
C ALA D 142 -14.02 -19.93 -6.27
N LEU D 143 -13.98 -19.25 -5.15
CA LEU D 143 -15.02 -19.32 -4.13
C LEU D 143 -15.38 -17.89 -3.73
N GLY D 144 -16.35 -17.76 -2.83
CA GLY D 144 -16.81 -16.43 -2.53
C GLY D 144 -17.88 -16.42 -1.50
N CYS D 145 -18.43 -15.24 -1.30
CA CYS D 145 -19.57 -15.06 -0.41
C CYS D 145 -20.58 -14.18 -1.09
N LEU D 146 -21.85 -14.60 -1.05
CA LEU D 146 -22.97 -13.78 -1.51
C LEU D 146 -23.56 -13.11 -0.28
N VAL D 147 -23.65 -11.79 -0.32
CA VAL D 147 -24.14 -11.00 0.80
C VAL D 147 -25.46 -10.39 0.36
N LYS D 148 -26.56 -11.07 0.70
CA LYS D 148 -27.84 -10.80 0.07
C LYS D 148 -28.82 -10.13 1.01
N ASP D 149 -29.51 -9.13 0.46
CA ASP D 149 -30.70 -8.51 1.04
C ASP D 149 -30.43 -7.67 2.27
N TYR D 150 -29.72 -6.57 2.11
CA TYR D 150 -29.46 -5.67 3.24
C TYR D 150 -29.82 -4.23 2.88
N PHE D 151 -29.96 -3.42 3.94
CA PHE D 151 -30.29 -2.00 3.82
C PHE D 151 -29.97 -1.24 5.10
N PRO D 152 -29.29 -0.10 4.99
CA PRO D 152 -28.78 0.48 3.75
C PRO D 152 -27.37 0.03 3.48
N GLU D 153 -26.75 0.66 2.48
CA GLU D 153 -25.33 0.55 2.33
C GLU D 153 -24.65 1.19 3.54
N PRO D 154 -23.39 0.83 3.81
CA PRO D 154 -22.51 -0.08 3.09
C PRO D 154 -22.31 -1.43 3.79
N VAL D 155 -21.81 -2.43 3.05
CA VAL D 155 -21.40 -3.70 3.62
C VAL D 155 -19.93 -3.85 3.29
N THR D 156 -19.16 -4.37 4.24
CA THR D 156 -17.74 -4.60 4.02
C THR D 156 -17.44 -6.08 4.21
N VAL D 157 -16.55 -6.60 3.39
CA VAL D 157 -16.15 -8.00 3.42
C VAL D 157 -14.62 -8.09 3.46
N SER D 158 -14.10 -8.90 4.38
CA SER D 158 -12.72 -9.33 4.37
C SER D 158 -12.69 -10.85 4.40
N TRP D 159 -11.50 -11.42 4.27
CA TRP D 159 -11.32 -12.86 4.26
C TRP D 159 -10.26 -13.26 5.28
N ASN D 160 -10.57 -14.30 6.05
CA ASN D 160 -9.71 -14.81 7.14
C ASN D 160 -9.20 -13.66 8.03
N SER D 161 -10.12 -12.76 8.39
CA SER D 161 -9.80 -11.63 9.26
C SER D 161 -8.69 -10.76 8.67
N GLY D 162 -8.65 -10.67 7.34
CA GLY D 162 -7.73 -9.80 6.64
C GLY D 162 -6.43 -10.45 6.22
N ALA D 163 -6.18 -11.70 6.63
CA ALA D 163 -4.96 -12.38 6.22
C ALA D 163 -4.95 -12.74 4.74
N LEU D 164 -6.12 -12.70 4.08
CA LEU D 164 -6.20 -12.99 2.65
C LEU D 164 -6.68 -11.74 1.92
N THR D 165 -5.82 -11.19 1.08
CA THR D 165 -6.16 -9.99 0.34
C THR D 165 -5.85 -10.11 -1.13
N SER D 166 -4.76 -10.79 -1.47
CA SER D 166 -4.41 -10.97 -2.86
C SER D 166 -5.47 -11.82 -3.56
N GLY D 167 -5.89 -11.36 -4.74
CA GLY D 167 -6.88 -12.06 -5.53
C GLY D 167 -8.30 -11.93 -5.04
N VAL D 168 -8.60 -10.97 -4.16
CA VAL D 168 -9.95 -10.70 -3.68
C VAL D 168 -10.58 -9.64 -4.58
N HIS D 169 -11.87 -9.81 -4.88
CA HIS D 169 -12.68 -8.75 -5.51
C HIS D 169 -14.00 -8.69 -4.75
N THR D 170 -14.33 -7.51 -4.22
CA THR D 170 -15.63 -7.28 -3.62
C THR D 170 -16.38 -6.28 -4.47
N PHE D 171 -17.48 -6.71 -5.04
CA PHE D 171 -18.20 -5.99 -6.08
C PHE D 171 -19.00 -4.85 -5.49
N PRO D 172 -19.28 -3.83 -6.27
CA PRO D 172 -20.24 -2.81 -5.84
C PRO D 172 -21.55 -3.47 -5.47
N ALA D 173 -22.29 -2.84 -4.58
CA ALA D 173 -23.62 -3.34 -4.30
C ALA D 173 -24.53 -3.04 -5.49
N VAL D 174 -25.57 -3.86 -5.63
CA VAL D 174 -26.66 -3.59 -6.57
C VAL D 174 -27.94 -3.46 -5.78
N LEU D 175 -28.74 -2.44 -6.09
CA LEU D 175 -30.06 -2.31 -5.48
C LEU D 175 -31.01 -3.27 -6.19
N GLN D 176 -31.60 -4.19 -5.45
CA GLN D 176 -32.54 -5.12 -6.07
C GLN D 176 -33.90 -4.44 -6.25
N SER D 177 -34.76 -5.08 -7.04
CA SER D 177 -36.13 -4.59 -7.17
C SER D 177 -36.89 -4.72 -5.87
N SER D 178 -36.42 -5.55 -4.94
CA SER D 178 -36.99 -5.61 -3.61
C SER D 178 -36.73 -4.35 -2.79
N GLY D 179 -35.89 -3.43 -3.27
CA GLY D 179 -35.44 -2.33 -2.45
C GLY D 179 -34.27 -2.65 -1.53
N LEU D 180 -33.83 -3.90 -1.49
CA LEU D 180 -32.66 -4.29 -0.71
C LEU D 180 -31.43 -4.37 -1.59
N TYR D 181 -30.28 -4.18 -0.96
CA TYR D 181 -28.98 -4.29 -1.63
C TYR D 181 -28.50 -5.73 -1.53
N SER D 182 -27.64 -6.10 -2.48
CA SER D 182 -26.96 -7.38 -2.49
C SER D 182 -25.59 -7.21 -3.15
N LEU D 183 -24.66 -8.09 -2.79
CA LEU D 183 -23.32 -8.04 -3.36
C LEU D 183 -22.63 -9.36 -3.11
N SER D 184 -21.60 -9.63 -3.92
CA SER D 184 -20.73 -10.78 -3.74
C SER D 184 -19.28 -10.35 -3.51
N SER D 185 -18.57 -11.16 -2.75
CA SER D 185 -17.12 -11.07 -2.67
C SER D 185 -16.53 -12.44 -3.05
N VAL D 186 -15.56 -12.43 -3.94
CA VAL D 186 -14.95 -13.67 -4.43
C VAL D 186 -13.43 -13.55 -4.29
N VAL D 187 -12.79 -14.72 -4.27
CA VAL D 187 -11.34 -14.84 -4.24
C VAL D 187 -10.99 -16.13 -4.96
N THR D 188 -9.84 -16.15 -5.62
CA THR D 188 -9.39 -17.30 -6.38
C THR D 188 -8.09 -17.81 -5.80
N VAL D 189 -8.01 -19.11 -5.59
CA VAL D 189 -6.90 -19.72 -4.88
C VAL D 189 -6.49 -20.98 -5.62
N PRO D 190 -5.26 -21.47 -5.40
CA PRO D 190 -4.86 -22.72 -6.04
C PRO D 190 -5.79 -23.87 -5.67
N SER D 191 -5.92 -24.80 -6.61
CA SER D 191 -6.85 -25.91 -6.45
C SER D 191 -6.45 -26.82 -5.28
N SER D 192 -5.15 -27.07 -5.12
CA SER D 192 -4.70 -27.99 -4.09
C SER D 192 -5.08 -27.53 -2.70
N SER D 193 -5.49 -26.27 -2.54
CA SER D 193 -5.60 -25.65 -1.22
C SER D 193 -6.97 -25.77 -0.59
N LEU D 194 -8.00 -26.17 -1.34
CA LEU D 194 -9.24 -26.55 -0.67
C LEU D 194 -8.95 -27.78 0.17
N GLY D 195 -9.55 -27.85 1.34
CA GLY D 195 -9.21 -28.95 2.22
C GLY D 195 -7.93 -28.85 3.04
N THR D 196 -7.06 -27.84 2.82
CA THR D 196 -5.97 -27.59 3.77
C THR D 196 -6.01 -26.17 4.32
N GLN D 197 -6.55 -25.22 3.56
CA GLN D 197 -6.63 -23.82 3.97
C GLN D 197 -8.09 -23.42 4.07
N THR D 198 -8.56 -23.20 5.29
CA THR D 198 -9.88 -22.65 5.54
C THR D 198 -10.05 -21.27 4.89
N TYR D 199 -11.24 -21.03 4.32
CA TYR D 199 -11.61 -19.71 3.78
C TYR D 199 -12.90 -19.24 4.43
N ILE D 200 -12.84 -18.13 5.17
CA ILE D 200 -13.98 -17.56 5.87
C ILE D 200 -14.16 -16.11 5.42
N CYS D 201 -15.40 -15.74 5.05
CA CYS D 201 -15.71 -14.34 4.76
C CYS D 201 -16.30 -13.65 5.98
N ASN D 202 -15.69 -12.51 6.35
CA ASN D 202 -16.17 -11.66 7.44
C ASN D 202 -16.98 -10.54 6.83
N VAL D 203 -18.29 -10.58 7.03
CA VAL D 203 -19.21 -9.60 6.48
C VAL D 203 -19.62 -8.69 7.61
N ASN D 204 -19.37 -7.40 7.47
CA ASN D 204 -19.76 -6.42 8.46
C ASN D 204 -20.75 -5.45 7.80
N HIS D 205 -21.90 -5.26 8.43
CA HIS D 205 -22.91 -4.30 7.98
C HIS D 205 -23.24 -3.39 9.17
N LYS D 206 -22.44 -2.33 9.37
CA LYS D 206 -22.61 -1.51 10.57
C LYS D 206 -24.02 -0.92 10.75
N PRO D 207 -24.70 -0.41 9.70
CA PRO D 207 -26.05 0.15 9.90
C PRO D 207 -27.03 -0.80 10.57
N SER D 208 -26.82 -2.12 10.48
CA SER D 208 -27.70 -3.08 11.14
C SER D 208 -27.00 -3.85 12.23
N ASN D 209 -25.78 -3.46 12.58
CA ASN D 209 -25.04 -4.10 13.66
C ASN D 209 -24.88 -5.60 13.43
N THR D 210 -24.72 -5.99 12.18
CA THR D 210 -24.52 -7.39 11.81
C THR D 210 -23.08 -7.58 11.35
N LYS D 211 -22.31 -8.36 12.14
CA LYS D 211 -21.08 -9.01 11.72
C LYS D 211 -21.38 -10.51 11.55
N VAL D 212 -20.84 -11.11 10.51
CA VAL D 212 -21.19 -12.52 10.24
C VAL D 212 -20.02 -13.18 9.51
N ASP D 213 -19.46 -14.23 10.09
CA ASP D 213 -18.42 -15.00 9.44
C ASP D 213 -18.98 -16.30 8.91
N LYS D 214 -18.60 -16.66 7.68
CA LYS D 214 -19.09 -17.86 7.03
C LYS D 214 -17.93 -18.65 6.44
N LYS D 215 -17.87 -19.93 6.74
CA LYS D 215 -16.90 -20.83 6.12
C LYS D 215 -17.43 -21.30 4.77
N VAL D 216 -16.68 -21.04 3.72
CA VAL D 216 -17.05 -21.44 2.36
C VAL D 216 -16.36 -22.78 2.09
N GLU D 217 -17.11 -23.87 2.14
CA GLU D 217 -16.40 -25.14 1.96
C GLU D 217 -16.79 -25.79 0.64
N PRO D 218 -15.94 -26.65 0.05
CA PRO D 218 -16.38 -27.44 -1.11
C PRO D 218 -17.56 -28.32 -0.73
N LYS D 219 -18.54 -28.39 -1.63
CA LYS D 219 -19.74 -29.18 -1.38
C LYS D 219 -19.38 -30.67 -1.37
N PCA E 1 5.75 31.03 7.23
CA PCA E 1 6.86 31.34 8.14
CB PCA E 1 8.19 31.07 7.44
CG PCA E 1 7.90 30.64 6.02
CD PCA E 1 6.40 30.59 5.99
OE PCA E 1 5.78 30.23 4.97
C PCA E 1 6.83 32.79 8.64
O PCA E 1 7.65 33.19 9.46
N LEU E 2 5.88 33.57 8.14
CA LEU E 2 5.76 34.98 8.51
C LEU E 2 5.18 35.13 9.92
N LEU E 3 5.74 36.04 10.71
CA LEU E 3 5.34 36.23 12.09
C LEU E 3 4.79 37.64 12.27
N PHE E 4 4.00 37.82 13.32
CA PHE E 4 3.27 39.06 13.50
C PHE E 4 3.45 39.65 14.90
N ASN E 5 3.45 40.97 14.96
CA ASN E 5 3.22 41.69 16.22
C ASN E 5 1.71 41.80 16.41
N LYS E 6 1.15 40.87 17.16
CA LYS E 6 -0.30 40.68 17.18
C LYS E 6 -0.97 41.75 18.05
N THR E 7 -2.23 42.03 17.71
CA THR E 7 -3.15 42.80 18.51
C THR E 7 -4.48 42.07 18.47
N LYS E 8 -4.96 41.60 19.61
CA LYS E 8 -6.21 40.83 19.55
C LYS E 8 -7.38 41.68 19.07
N SER E 9 -7.41 42.97 19.42
CA SER E 9 -8.58 43.77 19.15
C SER E 9 -8.22 45.26 19.16
N VAL E 10 -8.99 46.04 18.40
CA VAL E 10 -8.90 47.49 18.43
C VAL E 10 -10.31 48.05 18.59
N GLU E 11 -10.42 49.16 19.31
CA GLU E 11 -11.69 49.84 19.49
C GLU E 11 -11.75 51.13 18.70
N PHE E 12 -13.00 51.58 18.52
CA PHE E 12 -13.34 52.91 18.05
C PHE E 12 -14.72 53.24 18.59
N THR E 13 -14.98 54.52 18.70
CA THR E 13 -16.27 55.05 19.12
C THR E 13 -16.86 55.85 17.97
N PHE E 14 -18.01 56.48 18.22
CA PHE E 14 -18.61 57.38 17.24
C PHE E 14 -17.65 58.50 16.85
N GLY E 15 -16.73 58.89 17.74
CA GLY E 15 -15.80 59.97 17.48
C GLY E 15 -14.74 59.66 16.44
N ASN E 16 -14.44 58.38 16.26
CA ASN E 16 -13.45 57.98 15.23
C ASN E 16 -14.02 58.30 13.85
N ASP E 17 -13.35 59.15 13.09
CA ASP E 17 -13.80 59.49 11.72
C ASP E 17 -13.24 58.42 10.78
N THR E 18 -12.04 57.94 11.08
CA THR E 18 -11.44 56.84 10.30
C THR E 18 -11.00 55.79 11.31
N VAL E 19 -10.76 54.57 10.85
CA VAL E 19 -10.32 53.47 11.75
C VAL E 19 -9.06 52.85 11.18
N VAL E 20 -8.19 52.35 12.04
CA VAL E 20 -7.01 51.64 11.62
C VAL E 20 -7.03 50.26 12.27
N ILE E 21 -6.89 49.22 11.45
CA ILE E 21 -6.75 47.85 11.95
C ILE E 21 -5.27 47.47 11.78
N PRO E 22 -4.52 47.33 12.87
CA PRO E 22 -3.09 47.07 12.74
C PRO E 22 -2.78 45.68 12.21
N CYS E 23 -1.76 45.61 11.35
CA CYS E 23 -1.18 44.35 10.91
C CYS E 23 0.32 44.57 10.75
N PHE E 24 1.13 43.80 11.49
CA PHE E 24 2.59 44.06 11.56
C PHE E 24 3.37 42.75 11.49
N VAL E 25 4.09 42.56 10.38
CA VAL E 25 4.99 41.43 10.20
C VAL E 25 6.36 41.81 10.73
N THR E 26 6.90 40.98 11.64
CA THR E 26 8.18 41.25 12.28
C THR E 26 9.38 40.66 11.53
N ASN E 27 9.15 39.69 10.64
CA ASN E 27 10.26 39.08 9.92
C ASN E 27 10.06 39.16 8.42
N MET E 28 9.51 40.27 7.94
CA MET E 28 9.56 40.55 6.52
C MET E 28 11.01 40.56 6.05
N GLU E 29 11.27 40.10 4.84
CA GLU E 29 12.65 40.16 4.32
C GLU E 29 12.64 40.32 2.78
N ALA E 30 11.83 41.25 2.27
CA ALA E 30 11.78 41.57 0.85
C ALA E 30 12.51 42.88 0.57
N GLN E 31 13.23 42.92 -0.55
CA GLN E 31 13.89 44.14 -1.02
C GLN E 31 13.10 44.84 -2.13
N ASN E 32 11.84 44.45 -2.34
CA ASN E 32 11.06 44.98 -3.45
C ASN E 32 9.59 44.72 -3.16
N THR E 33 8.73 45.67 -3.56
CA THR E 33 7.30 45.52 -3.30
C THR E 33 6.63 44.50 -4.21
N THR E 34 7.30 44.06 -5.29
CA THR E 34 6.67 43.19 -6.29
C THR E 34 6.51 41.76 -5.80
N GLU E 35 7.24 41.35 -4.77
CA GLU E 35 7.07 39.98 -4.28
C GLU E 35 6.14 39.89 -3.08
N VAL E 36 5.47 40.98 -2.71
CA VAL E 36 4.58 40.99 -1.56
C VAL E 36 3.13 40.87 -2.04
N TYR E 37 2.32 40.24 -1.22
CA TYR E 37 0.89 40.19 -1.44
C TYR E 37 0.20 40.43 -0.10
N VAL E 38 -0.87 41.20 -0.12
CA VAL E 38 -1.63 41.51 1.08
C VAL E 38 -3.09 41.23 0.80
N LYS E 39 -3.77 40.59 1.76
CA LYS E 39 -5.20 40.35 1.68
C LYS E 39 -5.83 40.57 3.04
N TRP E 40 -6.92 41.32 3.07
CA TRP E 40 -7.74 41.40 4.27
C TRP E 40 -9.04 40.65 4.00
N LYS E 41 -9.36 39.71 4.88
CA LYS E 41 -10.52 38.85 4.70
C LYS E 41 -11.51 39.12 5.82
N PHE E 42 -12.78 39.28 5.45
CA PHE E 42 -13.83 39.59 6.42
C PHE E 42 -15.07 38.81 6.05
N LYS E 43 -15.51 37.95 6.96
CA LYS E 43 -16.72 37.15 6.75
C LYS E 43 -16.67 36.37 5.44
N GLY E 44 -15.47 35.90 5.09
CA GLY E 44 -15.27 35.06 3.93
C GLY E 44 -14.79 35.79 2.70
N ARG E 45 -14.92 37.12 2.65
CA ARG E 45 -14.64 37.87 1.44
C ARG E 45 -13.32 38.62 1.55
N ASP E 46 -12.69 38.83 0.39
CA ASP E 46 -11.49 39.66 0.28
C ASP E 46 -11.91 41.13 0.19
N ILE E 47 -11.96 41.80 1.35
CA ILE E 47 -12.34 43.20 1.37
C ILE E 47 -11.21 44.12 0.92
N TYR E 48 -9.98 43.63 0.87
CA TYR E 48 -8.87 44.41 0.34
C TYR E 48 -7.77 43.45 -0.08
N THR E 49 -7.22 43.66 -1.26
CA THR E 49 -6.01 42.99 -1.68
C THR E 49 -5.07 44.00 -2.33
N PHE E 50 -3.77 43.73 -2.25
CA PHE E 50 -2.75 44.49 -2.96
C PHE E 50 -1.81 43.50 -3.64
N ASP E 51 -1.85 43.49 -4.97
CA ASP E 51 -1.06 42.58 -5.78
C ASP E 51 0.27 43.26 -6.09
N GLY E 52 1.23 43.08 -5.19
CA GLY E 52 2.56 43.64 -5.41
C GLY E 52 3.06 43.49 -6.85
N ALA E 53 2.88 42.31 -7.43
CA ALA E 53 3.35 42.06 -8.79
C ALA E 53 2.74 43.03 -9.81
N LEU E 54 1.56 43.60 -9.52
CA LEU E 54 0.86 44.46 -10.46
C LEU E 54 0.53 45.85 -9.90
N ASN E 55 0.97 46.16 -8.67
CA ASN E 55 0.60 47.40 -7.96
C ASN E 55 -0.89 47.69 -8.05
N LYS E 56 -1.70 46.64 -7.90
CA LYS E 56 -3.14 46.75 -8.06
C LYS E 56 -3.80 46.53 -6.71
N SER E 57 -4.42 47.58 -6.19
CA SER E 57 -5.33 47.48 -5.06
C SER E 57 -6.75 47.28 -5.59
N THR E 58 -7.49 46.38 -4.96
CA THR E 58 -8.89 46.19 -5.32
C THR E 58 -9.71 46.01 -4.06
N VAL E 59 -10.90 46.62 -4.05
CA VAL E 59 -11.83 46.53 -2.93
C VAL E 59 -13.24 46.34 -3.46
N PRO E 60 -14.09 45.67 -2.70
CA PRO E 60 -15.52 45.62 -3.07
C PRO E 60 -16.16 46.98 -2.82
N THR E 61 -17.38 47.15 -3.34
CA THR E 61 -18.01 48.47 -3.25
C THR E 61 -18.50 48.84 -1.85
N ASP E 62 -18.58 47.89 -0.91
CA ASP E 62 -19.00 48.18 0.47
C ASP E 62 -17.81 48.35 1.42
N PHE E 63 -16.60 48.38 0.89
CA PHE E 63 -15.37 48.79 1.56
C PHE E 63 -14.64 49.76 0.64
N SER E 64 -15.39 50.70 0.05
CA SER E 64 -14.81 51.62 -0.93
C SER E 64 -13.70 52.46 -0.33
N SER E 65 -13.77 52.78 0.95
CA SER E 65 -12.72 53.58 1.57
C SER E 65 -11.50 52.79 1.96
N ALA E 66 -11.54 51.45 1.87
CA ALA E 66 -10.43 50.63 2.35
C ALA E 66 -9.19 50.85 1.49
N LYS E 67 -8.05 51.06 2.16
CA LYS E 67 -6.80 51.31 1.48
C LYS E 67 -5.66 50.91 2.41
N ILE E 68 -4.46 50.84 1.82
CA ILE E 68 -3.25 50.49 2.55
C ILE E 68 -2.12 51.39 2.07
N GLU E 69 -1.18 51.66 2.97
CA GLU E 69 -0.05 52.50 2.65
C GLU E 69 1.10 51.64 2.16
N VAL E 70 1.32 51.64 0.85
CA VAL E 70 2.30 50.72 0.30
C VAL E 70 3.72 51.11 0.69
N SER E 71 3.94 52.37 1.10
CA SER E 71 5.30 52.76 1.47
C SER E 71 5.76 52.08 2.75
N GLN E 72 4.83 51.76 3.65
CA GLN E 72 5.11 51.03 4.87
C GLN E 72 5.11 49.52 4.69
N LEU E 73 4.82 49.03 3.49
CA LEU E 73 4.73 47.59 3.29
C LEU E 73 6.05 46.91 3.62
N LEU E 74 7.13 47.31 2.94
CA LEU E 74 8.46 46.75 3.21
C LEU E 74 8.94 47.03 4.63
N LYS E 75 8.23 47.83 5.41
CA LYS E 75 8.58 47.96 6.82
C LYS E 75 7.86 46.92 7.69
N GLY E 76 7.05 46.05 7.08
CA GLY E 76 6.26 45.07 7.79
C GLY E 76 4.86 45.53 8.12
N ASP E 77 4.57 46.82 7.93
CA ASP E 77 3.24 47.41 8.14
C ASP E 77 2.33 47.09 6.98
N ALA E 78 1.16 46.49 7.27
CA ALA E 78 0.11 46.25 6.31
C ALA E 78 -1.24 46.71 6.88
N SER E 79 -1.21 47.62 7.83
CA SER E 79 -2.43 48.10 8.49
C SER E 79 -3.43 48.68 7.51
N LEU E 80 -4.71 48.39 7.74
CA LEU E 80 -5.81 48.83 6.88
C LEU E 80 -6.52 50.08 7.42
N LYS E 81 -6.80 51.03 6.54
CA LYS E 81 -7.54 52.25 6.89
C LYS E 81 -8.90 52.26 6.18
N MET E 82 -9.96 52.45 6.97
CA MET E 82 -11.30 52.63 6.43
C MET E 82 -11.96 53.79 7.15
N ASP E 83 -12.85 54.52 6.46
CA ASP E 83 -13.58 55.56 7.16
C ASP E 83 -14.65 54.93 8.05
N LYS E 84 -15.41 55.80 8.73
CA LYS E 84 -16.24 55.31 9.82
C LYS E 84 -17.41 54.49 9.31
N SER E 85 -18.09 54.94 8.25
CA SER E 85 -19.28 54.21 7.83
C SER E 85 -18.90 52.83 7.31
N ASP E 86 -17.75 52.70 6.65
CA ASP E 86 -17.33 51.39 6.17
C ASP E 86 -16.84 50.50 7.30
N ALA E 87 -16.58 51.08 8.47
CA ALA E 87 -16.13 50.27 9.60
C ALA E 87 -17.31 49.87 10.46
N VAL E 88 -18.27 50.79 10.65
CA VAL E 88 -19.29 50.61 11.67
C VAL E 88 -20.36 49.64 11.20
N SER E 89 -20.40 49.36 9.89
CA SER E 89 -21.26 48.36 9.26
C SER E 89 -20.62 46.99 9.21
N HIS E 90 -19.42 46.85 9.78
CA HIS E 90 -18.55 45.72 9.46
C HIS E 90 -17.66 45.38 10.65
N THR E 91 -18.23 45.38 11.85
CA THR E 91 -17.46 44.97 13.00
C THR E 91 -17.35 43.45 13.04
N GLY E 92 -16.43 42.97 13.83
CA GLY E 92 -16.10 41.57 13.90
C GLY E 92 -14.63 41.32 13.65
N ASN E 93 -14.32 40.07 13.36
CA ASN E 93 -12.93 39.64 13.24
C ASN E 93 -12.41 39.86 11.83
N TYR E 94 -11.20 40.35 11.74
CA TYR E 94 -10.54 40.61 10.46
C TYR E 94 -9.34 39.67 10.37
N THR E 95 -8.98 39.29 9.16
CA THR E 95 -7.85 38.39 8.93
C THR E 95 -6.89 39.09 7.99
N CYS E 96 -5.63 39.20 8.42
CA CYS E 96 -4.60 39.86 7.63
C CYS E 96 -3.65 38.80 7.11
N GLU E 97 -3.64 38.60 5.79
CA GLU E 97 -2.75 37.63 5.15
C GLU E 97 -1.67 38.38 4.38
N VAL E 98 -0.42 38.13 4.75
CA VAL E 98 0.73 38.67 4.05
C VAL E 98 1.46 37.53 3.37
N THR E 99 1.89 37.75 2.13
CA THR E 99 2.65 36.79 1.38
C THR E 99 3.84 37.51 0.77
N GLU E 100 5.01 36.91 0.89
CA GLU E 100 6.23 37.45 0.31
C GLU E 100 7.01 36.29 -0.31
N LEU E 101 7.07 36.28 -1.64
CA LEU E 101 7.56 35.13 -2.42
C LEU E 101 6.74 33.92 -2.00
N THR E 102 7.35 32.78 -1.64
CA THR E 102 6.64 31.62 -1.13
C THR E 102 6.21 31.76 0.34
N ARG E 103 6.84 32.67 1.10
CA ARG E 103 6.55 32.77 2.53
C ARG E 103 5.20 33.44 2.77
N GLU E 104 4.52 33.02 3.84
CA GLU E 104 3.17 33.50 4.09
C GLU E 104 2.88 33.46 5.58
N GLY E 105 1.85 34.18 5.99
CA GLY E 105 1.41 34.18 7.37
C GLY E 105 0.14 34.99 7.50
N GLU E 106 -0.48 34.89 8.67
CA GLU E 106 -1.75 35.59 8.87
C GLU E 106 -1.96 35.94 10.35
N THR E 107 -2.74 36.98 10.60
CA THR E 107 -3.06 37.39 11.96
C THR E 107 -4.47 37.96 12.03
N ILE E 108 -5.07 37.88 13.21
CA ILE E 108 -6.48 38.17 13.41
C ILE E 108 -6.61 39.35 14.36
N ILE E 109 -7.50 40.28 14.04
CA ILE E 109 -7.86 41.39 14.93
C ILE E 109 -9.37 41.55 14.92
N GLU E 110 -9.96 41.70 16.09
CA GLU E 110 -11.38 41.97 16.20
C GLU E 110 -11.58 43.49 16.30
N LEU E 111 -12.03 44.09 15.21
CA LEU E 111 -12.53 45.47 15.20
C LEU E 111 -13.81 45.56 16.02
N LYS E 112 -13.71 46.21 17.17
CA LYS E 112 -14.82 46.39 18.11
C LYS E 112 -15.24 47.86 18.15
N TYR E 113 -16.55 48.08 18.23
CA TYR E 113 -17.12 49.41 18.28
C TYR E 113 -17.84 49.57 19.61
N ARG E 114 -17.50 50.64 20.32
CA ARG E 114 -18.09 50.87 21.66
C ARG E 114 -19.11 52.00 21.58
N VAL E 115 -20.29 51.77 22.14
CA VAL E 115 -21.34 52.82 22.15
C VAL E 115 -21.10 53.71 23.38
N VAL E 116 -20.90 55.00 23.15
CA VAL E 116 -20.56 55.91 24.28
C VAL E 116 -21.83 56.64 24.73
N SER E 117 -22.05 56.71 26.05
CA SER E 117 -23.23 57.41 26.61
C SER E 117 -22.79 58.78 27.15
N TRP E 118 -23.35 59.87 26.62
CA TRP E 118 -22.90 61.24 27.00
C TRP E 118 -23.94 61.93 27.87
N PCA F 1 -6.06 -31.84 -4.91
CA PCA F 1 -7.41 -32.36 -4.62
CB PCA F 1 -8.42 -31.70 -5.56
CG PCA F 1 -7.65 -31.03 -6.66
CD PCA F 1 -6.23 -31.04 -6.14
OE PCA F 1 -5.33 -30.42 -6.74
C PCA F 1 -7.61 -33.90 -4.73
O PCA F 1 -8.74 -34.38 -4.56
N LEU F 2 -6.54 -34.65 -4.99
CA LEU F 2 -6.58 -36.11 -4.87
C LEU F 2 -6.80 -36.55 -3.42
N LEU F 3 -7.60 -37.58 -3.22
CA LEU F 3 -7.85 -38.21 -1.92
C LEU F 3 -7.36 -39.66 -1.96
N PHE F 4 -7.32 -40.30 -0.79
CA PHE F 4 -6.65 -41.58 -0.62
C PHE F 4 -7.37 -42.46 0.38
N ASN F 5 -7.30 -43.79 0.16
CA ASN F 5 -7.65 -44.82 1.17
C ASN F 5 -6.45 -45.04 2.08
N LYS F 6 -6.36 -44.26 3.15
CA LYS F 6 -5.13 -44.22 3.94
C LYS F 6 -4.93 -45.47 4.79
N THR F 7 -3.68 -45.91 4.86
CA THR F 7 -3.19 -46.86 5.85
C THR F 7 -2.11 -46.16 6.66
N LYS F 8 -2.19 -46.26 8.00
CA LYS F 8 -1.23 -45.55 8.83
C LYS F 8 0.17 -46.13 8.71
N SER F 9 0.26 -47.45 8.55
CA SER F 9 1.53 -48.17 8.56
C SER F 9 1.30 -49.62 8.16
N VAL F 10 2.33 -50.25 7.57
CA VAL F 10 2.32 -51.66 7.20
C VAL F 10 3.52 -52.34 7.82
N GLU F 11 3.34 -53.57 8.27
CA GLU F 11 4.36 -54.36 8.96
C GLU F 11 4.93 -55.43 8.05
N PHE F 12 6.16 -55.84 8.36
CA PHE F 12 6.79 -56.97 7.67
C PHE F 12 7.92 -57.52 8.55
N THR F 13 8.27 -58.78 8.30
CA THR F 13 9.30 -59.42 9.11
C THR F 13 10.44 -60.00 8.26
N PHE F 14 11.22 -60.92 8.83
CA PHE F 14 12.27 -61.59 8.01
C PHE F 14 11.63 -62.57 7.02
N GLY F 15 10.40 -63.00 7.31
CA GLY F 15 9.69 -63.92 6.40
C GLY F 15 9.32 -63.26 5.10
N ASN F 16 9.16 -61.94 5.12
CA ASN F 16 8.72 -61.20 3.92
C ASN F 16 9.82 -61.19 2.86
N ASP F 17 9.57 -61.77 1.70
CA ASP F 17 10.53 -61.71 0.57
C ASP F 17 10.32 -60.39 -0.13
N THR F 18 9.06 -59.96 -0.18
CA THR F 18 8.72 -58.70 -0.86
C THR F 18 7.97 -57.82 0.13
N VAL F 19 7.93 -56.53 -0.15
CA VAL F 19 7.18 -55.61 0.74
C VAL F 19 6.22 -54.76 -0.10
N VAL F 20 4.96 -54.70 0.32
CA VAL F 20 4.01 -53.80 -0.34
C VAL F 20 3.76 -52.61 0.59
N ILE F 21 3.95 -51.41 0.06
CA ILE F 21 3.49 -50.19 0.72
C ILE F 21 2.33 -49.65 -0.10
N PRO F 22 1.11 -49.58 0.46
CA PRO F 22 -0.08 -49.30 -0.36
C PRO F 22 -0.27 -47.82 -0.65
N CYS F 23 -0.79 -47.55 -1.84
CA CYS F 23 -1.18 -46.19 -2.20
C CYS F 23 -2.39 -46.25 -3.14
N PHE F 24 -3.53 -45.72 -2.68
CA PHE F 24 -4.81 -45.84 -3.39
C PHE F 24 -5.51 -44.48 -3.42
N VAL F 25 -5.46 -43.79 -4.56
CA VAL F 25 -6.19 -42.54 -4.70
C VAL F 25 -7.61 -42.86 -5.16
N THR F 26 -8.59 -42.22 -4.52
CA THR F 26 -9.99 -42.60 -4.69
C THR F 26 -10.72 -41.83 -5.78
N ASN F 27 -10.36 -40.56 -6.01
CA ASN F 27 -11.04 -39.70 -6.96
C ASN F 27 -10.20 -39.45 -8.20
N MET F 28 -9.40 -40.42 -8.62
CA MET F 28 -8.70 -40.30 -9.88
C MET F 28 -9.69 -40.03 -11.02
N GLU F 29 -9.26 -39.23 -12.00
CA GLU F 29 -10.13 -38.81 -13.09
C GLU F 29 -9.48 -38.93 -14.45
N ALA F 30 -8.32 -39.56 -14.54
CA ALA F 30 -7.61 -39.71 -15.80
C ALA F 30 -8.07 -40.99 -16.49
N GLN F 31 -8.13 -40.94 -17.84
CA GLN F 31 -8.49 -42.10 -18.65
C GLN F 31 -7.33 -42.73 -19.42
N ASN F 32 -6.23 -42.01 -19.58
CA ASN F 32 -4.97 -42.52 -20.11
C ASN F 32 -3.85 -42.30 -19.09
N THR F 33 -2.80 -43.11 -19.19
CA THR F 33 -1.75 -43.14 -18.17
C THR F 33 -0.75 -42.00 -18.28
N THR F 34 -0.68 -41.36 -19.46
CA THR F 34 0.34 -40.33 -19.71
C THR F 34 0.08 -39.03 -18.97
N GLU F 35 -1.10 -38.84 -18.41
CA GLU F 35 -1.34 -37.65 -17.61
C GLU F 35 -0.97 -37.84 -16.14
N VAL F 36 -0.71 -39.07 -15.71
CA VAL F 36 -0.52 -39.37 -14.29
C VAL F 36 0.98 -39.38 -13.98
N TYR F 37 1.35 -38.79 -12.85
CA TYR F 37 2.71 -38.84 -12.33
C TYR F 37 2.67 -39.42 -10.93
N VAL F 38 3.69 -40.22 -10.61
CA VAL F 38 3.81 -40.89 -9.32
C VAL F 38 5.21 -40.63 -8.77
N LYS F 39 5.30 -40.33 -7.46
CA LYS F 39 6.59 -40.16 -6.81
C LYS F 39 6.50 -40.73 -5.40
N TRP F 40 7.50 -41.50 -5.00
CA TRP F 40 7.61 -41.95 -3.62
C TRP F 40 8.81 -41.27 -2.97
N LYS F 41 8.60 -40.71 -1.78
CA LYS F 41 9.59 -39.89 -1.09
C LYS F 41 10.05 -40.60 0.17
N PHE F 42 11.37 -40.70 0.37
CA PHE F 42 11.90 -41.24 1.62
C PHE F 42 13.12 -40.44 2.06
N LYS F 43 13.04 -39.89 3.28
CA LYS F 43 14.08 -39.04 3.86
C LYS F 43 14.54 -37.98 2.86
N GLY F 44 13.57 -37.23 2.34
CA GLY F 44 13.85 -36.13 1.45
C GLY F 44 14.29 -36.53 0.07
N ARG F 45 14.06 -37.79 -0.32
CA ARG F 45 14.61 -38.36 -1.54
C ARG F 45 13.52 -39.04 -2.36
N ASP F 46 13.54 -38.78 -3.67
CA ASP F 46 12.65 -39.44 -4.61
C ASP F 46 13.22 -40.83 -4.90
N ILE F 47 12.74 -41.82 -4.17
CA ILE F 47 13.27 -43.17 -4.31
C ILE F 47 12.57 -43.96 -5.43
N TYR F 48 11.37 -43.55 -5.81
CA TYR F 48 10.72 -44.03 -7.01
C TYR F 48 9.96 -42.90 -7.69
N THR F 49 10.07 -42.81 -9.02
CA THR F 49 9.24 -41.92 -9.80
C THR F 49 8.77 -42.63 -11.07
N PHE F 50 7.53 -42.35 -11.46
CA PHE F 50 6.96 -42.77 -12.73
C PHE F 50 6.40 -41.52 -13.42
N ASP F 51 7.06 -41.07 -14.49
CA ASP F 51 6.58 -39.95 -15.30
C ASP F 51 5.71 -40.54 -16.41
N GLY F 52 4.39 -40.47 -16.23
CA GLY F 52 3.46 -41.10 -17.17
C GLY F 52 3.60 -40.61 -18.59
N ALA F 53 3.87 -39.31 -18.78
CA ALA F 53 4.03 -38.81 -20.14
C ALA F 53 5.05 -39.62 -20.92
N LEU F 54 6.17 -39.98 -20.27
CA LEU F 54 7.32 -40.60 -20.91
C LEU F 54 7.42 -42.11 -20.67
N ASN F 55 6.51 -42.70 -19.90
CA ASN F 55 6.53 -44.12 -19.58
C ASN F 55 7.83 -44.57 -18.90
N LYS F 56 8.51 -43.65 -18.22
CA LYS F 56 9.83 -43.88 -17.65
C LYS F 56 9.74 -44.04 -16.13
N SER F 57 10.37 -45.10 -15.63
CA SER F 57 10.52 -45.33 -14.21
C SER F 57 11.97 -45.09 -13.85
N THR F 58 12.22 -44.51 -12.68
CA THR F 58 13.59 -44.24 -12.25
C THR F 58 13.73 -44.48 -10.75
N VAL F 59 14.82 -45.16 -10.38
CA VAL F 59 15.12 -45.48 -8.99
C VAL F 59 16.60 -45.19 -8.75
N PRO F 60 16.99 -44.70 -7.56
CA PRO F 60 18.40 -44.65 -7.20
C PRO F 60 18.95 -46.07 -7.05
N THR F 61 20.28 -46.18 -7.18
CA THR F 61 20.85 -47.52 -7.20
C THR F 61 20.63 -48.28 -5.90
N ASP F 62 20.17 -47.61 -4.85
CA ASP F 62 19.97 -48.23 -3.55
C ASP F 62 18.52 -48.60 -3.27
N PHE F 63 17.63 -48.36 -4.22
CA PHE F 63 16.25 -48.84 -4.27
C PHE F 63 16.02 -49.58 -5.58
N SER F 64 17.02 -50.39 -5.98
CA SER F 64 17.08 -50.88 -7.36
C SER F 64 15.86 -51.72 -7.72
N SER F 65 15.23 -52.35 -6.75
CA SER F 65 14.13 -53.27 -6.98
C SER F 65 12.77 -52.65 -6.67
N ALA F 66 12.72 -51.35 -6.38
CA ALA F 66 11.45 -50.72 -6.05
C ALA F 66 10.62 -50.55 -7.34
N LYS F 67 9.31 -50.79 -7.23
CA LYS F 67 8.47 -50.74 -8.43
C LYS F 67 7.01 -50.46 -8.07
N ILE F 68 6.20 -50.35 -9.13
CA ILE F 68 4.79 -50.03 -9.10
C ILE F 68 4.17 -50.76 -10.27
N GLU F 69 2.95 -51.26 -10.11
CA GLU F 69 2.27 -51.96 -11.21
C GLU F 69 1.52 -50.92 -12.02
N VAL F 70 2.16 -50.43 -13.09
CA VAL F 70 1.57 -49.37 -13.92
C VAL F 70 0.20 -49.79 -14.45
N SER F 71 -0.04 -51.11 -14.57
CA SER F 71 -1.33 -51.60 -15.03
C SER F 71 -2.47 -51.24 -14.09
N GLN F 72 -2.17 -50.82 -12.86
CA GLN F 72 -3.20 -50.49 -11.88
C GLN F 72 -3.35 -49.00 -11.64
N LEU F 73 -2.63 -48.16 -12.39
CA LEU F 73 -2.56 -46.74 -12.05
C LEU F 73 -3.90 -46.05 -12.21
N LEU F 74 -4.54 -46.19 -13.39
CA LEU F 74 -5.79 -45.50 -13.64
C LEU F 74 -6.85 -45.92 -12.64
N LYS F 75 -6.83 -47.19 -12.23
CA LYS F 75 -7.66 -47.68 -11.15
C LYS F 75 -7.31 -47.08 -9.78
N GLY F 76 -6.21 -46.32 -9.68
CA GLY F 76 -5.89 -45.60 -8.45
C GLY F 76 -4.78 -46.22 -7.61
N ASP F 77 -4.26 -47.38 -8.01
CA ASP F 77 -3.24 -48.11 -7.25
C ASP F 77 -1.87 -47.58 -7.66
N ALA F 78 -1.19 -46.92 -6.72
CA ALA F 78 0.19 -46.47 -6.89
C ALA F 78 1.14 -47.20 -5.95
N SER F 79 0.66 -48.25 -5.28
CA SER F 79 1.43 -48.99 -4.28
C SER F 79 2.84 -49.33 -4.77
N LEU F 80 3.78 -49.30 -3.83
CA LEU F 80 5.19 -49.57 -4.08
C LEU F 80 5.52 -51.01 -3.66
N LYS F 81 6.28 -51.72 -4.49
CA LYS F 81 6.79 -53.05 -4.15
C LYS F 81 8.32 -53.01 -4.10
N MET F 82 8.87 -53.60 -3.06
CA MET F 82 10.32 -53.69 -2.89
C MET F 82 10.71 -55.10 -2.47
N ASP F 83 11.97 -55.43 -2.71
CA ASP F 83 12.55 -56.63 -2.13
C ASP F 83 12.86 -56.40 -0.64
N LYS F 84 13.16 -57.49 0.05
CA LYS F 84 13.30 -57.38 1.50
C LYS F 84 14.56 -56.61 1.87
N SER F 85 15.58 -56.64 1.01
CA SER F 85 16.84 -56.01 1.37
C SER F 85 16.75 -54.49 1.25
N ASP F 86 16.03 -54.00 0.26
CA ASP F 86 15.84 -52.57 0.16
C ASP F 86 14.84 -52.05 1.19
N ALA F 87 14.00 -52.92 1.75
CA ALA F 87 13.04 -52.42 2.73
C ALA F 87 13.64 -52.35 4.11
N VAL F 88 14.21 -53.46 4.57
CA VAL F 88 14.77 -53.57 5.91
C VAL F 88 15.87 -52.53 6.11
N SER F 89 16.46 -52.04 5.01
CA SER F 89 17.47 -50.98 5.04
C SER F 89 16.86 -49.59 5.11
N HIS F 90 15.56 -49.45 4.81
CA HIS F 90 14.90 -48.15 4.70
C HIS F 90 13.51 -48.25 5.32
N THR F 91 13.45 -48.56 6.61
CA THR F 91 12.20 -48.46 7.31
C THR F 91 11.97 -47.04 7.79
N GLY F 92 10.70 -46.71 7.99
CA GLY F 92 10.31 -45.36 8.36
C GLY F 92 9.08 -44.90 7.63
N ASN F 93 8.95 -43.58 7.46
CA ASN F 93 7.76 -42.99 6.90
C ASN F 93 8.00 -42.70 5.42
N TYR F 94 7.04 -43.12 4.60
CA TYR F 94 7.07 -42.86 3.17
C TYR F 94 5.96 -41.88 2.83
N THR F 95 6.17 -41.14 1.75
CA THR F 95 5.13 -40.28 1.20
C THR F 95 4.85 -40.71 -0.24
N CYS F 96 3.57 -40.80 -0.57
CA CYS F 96 3.11 -41.10 -1.92
C CYS F 96 2.48 -39.85 -2.49
N GLU F 97 3.09 -39.28 -3.53
CA GLU F 97 2.51 -38.14 -4.21
C GLU F 97 2.09 -38.57 -5.61
N VAL F 98 0.81 -38.38 -5.91
CA VAL F 98 0.26 -38.69 -7.22
C VAL F 98 -0.20 -37.38 -7.85
N THR F 99 0.12 -37.21 -9.13
CA THR F 99 -0.30 -36.03 -9.87
C THR F 99 -1.03 -36.49 -11.13
N GLU F 100 -2.29 -36.08 -11.25
CA GLU F 100 -3.08 -36.25 -12.45
C GLU F 100 -3.45 -34.87 -12.98
N LEU F 101 -2.79 -34.45 -14.06
CA LEU F 101 -2.91 -33.11 -14.64
C LEU F 101 -2.45 -32.08 -13.61
N THR F 102 -3.28 -31.10 -13.24
CA THR F 102 -2.94 -30.19 -12.15
C THR F 102 -3.33 -30.74 -10.79
N ARG F 103 -4.17 -31.77 -10.74
CA ARG F 103 -4.66 -32.27 -9.47
C ARG F 103 -3.58 -33.08 -8.78
N GLU F 104 -3.42 -32.86 -7.48
CA GLU F 104 -2.27 -33.39 -6.78
C GLU F 104 -2.68 -33.78 -5.36
N GLY F 105 -1.97 -34.73 -4.79
CA GLY F 105 -2.31 -35.21 -3.47
C GLY F 105 -1.15 -35.94 -2.87
N GLU F 106 -1.26 -36.23 -1.57
CA GLU F 106 -0.19 -36.94 -0.90
C GLU F 106 -0.76 -37.74 0.26
N THR F 107 -0.12 -38.86 0.55
CA THR F 107 -0.53 -39.67 1.69
C THR F 107 0.70 -40.41 2.19
N ILE F 108 0.64 -40.80 3.46
CA ILE F 108 1.81 -41.17 4.26
C ILE F 108 1.60 -42.57 4.85
N ILE F 109 2.63 -43.41 4.73
CA ILE F 109 2.61 -44.77 5.27
C ILE F 109 3.93 -45.07 5.97
N GLU F 110 3.88 -45.57 7.20
CA GLU F 110 5.08 -46.02 7.88
C GLU F 110 5.35 -47.51 7.63
N LEU F 111 6.56 -47.81 7.16
CA LEU F 111 7.02 -49.18 6.98
C LEU F 111 7.72 -49.61 8.25
N LYS F 112 7.17 -50.61 8.94
CA LYS F 112 7.74 -51.03 10.23
C LYS F 112 8.16 -52.50 10.17
N TYR F 113 9.31 -52.82 10.76
CA TYR F 113 9.82 -54.20 10.78
C TYR F 113 9.56 -54.79 12.16
N ARG F 114 9.01 -55.99 12.21
CA ARG F 114 8.71 -56.66 13.50
C ARG F 114 9.76 -57.75 13.73
N VAL F 115 10.41 -57.73 14.88
CA VAL F 115 11.51 -58.70 15.16
C VAL F 115 11.08 -59.57 16.35
CA CA G . 12.31 -32.58 -3.96
C1 GOL H . 31.00 -2.91 21.78
O1 GOL H . 31.74 -2.56 22.94
C2 GOL H . 30.05 -1.69 21.35
O2 GOL H . 29.14 -1.36 22.35
C3 GOL H . 29.33 -2.10 20.00
O3 GOL H . 30.06 -1.57 18.90
CA CA I . -10.97 32.87 -0.74
C1 GOL J . -36.38 -6.70 8.64
O1 GOL J . -36.94 -7.90 8.10
C2 GOL J . -36.99 -5.47 7.88
O2 GOL J . -36.60 -4.29 8.49
C3 GOL J . -36.49 -5.57 6.37
O3 GOL J . -37.12 -4.57 5.58
C1 NAG K . -12.79 37.23 17.19
C2 NAG K . -13.89 36.67 18.09
C3 NAG K . -13.28 36.14 19.38
C4 NAG K . -12.24 35.07 19.05
C5 NAG K . -11.16 35.70 18.17
C6 NAG K . -10.11 34.73 17.68
C7 NAG K . -16.08 37.76 17.81
C8 NAG K . -16.42 36.67 16.83
N2 NAG K . -14.88 37.70 18.37
O3 NAG K . -14.28 35.61 20.23
O4 NAG K . -11.69 34.55 20.26
O5 NAG K . -11.77 36.23 17.00
O6 NAG K . -9.63 33.88 18.71
O7 NAG K . -16.89 38.66 18.08
C1 NAG L . -9.80 56.05 17.29
C2 NAG L . -8.90 54.84 16.99
C3 NAG L . -7.68 54.79 17.93
C4 NAG L . -7.02 56.15 18.15
C5 NAG L . -8.06 57.19 18.49
C6 NAG L . -7.43 58.57 18.62
C7 NAG L . -9.62 52.54 16.39
C8 NAG L . -10.39 51.36 16.91
N2 NAG L . -9.65 53.62 17.18
O3 NAG L . -6.74 53.85 17.44
O4 NAG L . -6.11 56.09 19.24
O5 NAG L . -9.00 57.25 17.41
O6 NAG L . -8.36 59.61 18.37
O7 NAG L . -9.04 52.53 15.30
C1 NAG M . 5.33 -41.59 10.78
C2 NAG M . 5.94 -41.43 12.18
C3 NAG M . 4.83 -41.34 13.22
C4 NAG M . 3.97 -40.13 12.92
C5 NAG M . 3.30 -40.33 11.55
C6 NAG M . 2.42 -39.17 11.13
C7 NAG M . 8.18 -42.37 12.55
C8 NAG M . 8.96 -43.61 12.87
N2 NAG M . 6.85 -42.52 12.49
O3 NAG M . 5.41 -41.26 14.52
O4 NAG M . 3.00 -39.94 13.94
O5 NAG M . 4.31 -40.50 10.53
O6 NAG M . 2.31 -39.01 9.71
O7 NAG M . 8.72 -41.29 12.35
C1 NAG N . 4.65 -59.26 4.99
C2 NAG N . 3.62 -58.34 4.28
C3 NAG N . 2.19 -58.64 4.75
C4 NAG N . 1.89 -60.13 4.67
C5 NAG N . 2.96 -60.91 5.44
C6 NAG N . 2.80 -62.41 5.32
C7 NAG N . 4.25 -56.07 3.53
C8 NAG N . 4.54 -54.67 3.97
N2 NAG N . 3.94 -56.93 4.50
O3 NAG N . 1.24 -57.94 3.96
O4 NAG N . 0.61 -60.37 5.27
O5 NAG N . 4.24 -60.60 4.89
O6 NAG N . 3.91 -63.08 5.89
O7 NAG N . 4.30 -56.41 2.35
#